data_9B1B
#
_entry.id   9B1B
#
_cell.length_a   1.00
_cell.length_b   1.00
_cell.length_c   1.00
_cell.angle_alpha   90.00
_cell.angle_beta   90.00
_cell.angle_gamma   90.00
#
_symmetry.space_group_name_H-M   'P 1'
#
loop_
_entity.id
_entity.type
_entity.pdbx_description
1 polymer 'Capsid protein VP1'
2 polymer 'viral protein 3'
3 polymer 'viral protein 2'
4 polymer 'Capsid protein VP4'
5 non-polymer 4-[(propan-2-yl)oxy]-N-{(4M)-4-[1-(2,2,2-trifluoroethyl)-1H-pyrazol-4-yl]quinolin-8-yl}benzamide
#
loop_
_entity_poly.entity_id
_entity_poly.type
_entity_poly.pdbx_seq_one_letter_code
_entity_poly.pdbx_strand_id
1 'polypeptide(L)'
;LDHLHAAEAAYQIESIIKTATDTVKSEINAELGVVPSLNAVETGATSNTEPEEAIQTRTVINQHGVSETLVENFLSRAAL
VSKRSFEYKDHTSSTARADKNFFKWTINTRSFVQLRRKLELFTYLRFDAEITILTTVAVNGSGNNTYVGLPDLTLQAMFV
PTGALTPEKQDSFHWQSGSNASVFFKISDPPARITIPFMCINSAYSVFYDGFAGFEKNGLYGINPADTIGNLCVRIVNEH
QPVGFTVTVRVYMKPKHIKAWAPRPPRTLPYMSIANANYKGKERAPNALSAIIGNRDSVKTMPHNIVNT
;
A
2 'polypeptide(L)'
;GVPTYLLPGSGQFLTTDDHSSAPALPCFNPTPEMHIPGQVRNMLEVVQVESMMEINNTESAVGMERLKVDISALTDVDQL
LFNIPLDIQLDGPLRNTLVGNISRYYTHWSGSLEMTFMFCGSFMAAGKLILCYTPPGGSCPTTRETAMLGTHIVWDFGLQ
SSVTLIIPWISGSHYRMFNNDAKSTNANVGYVTCFMQTNLIVPSESSDTCSLIGFIAAKDDFSLRLMRDSPDIGQLDHLH
AAEAAYQ
;
B
3 'polypeptide(L)'
;SPSAEACGYSDRVLQLKLGNSAIVTQEAANYCCAYGEWPNYLPDHEAVAIDKPTQPETATDRFYTLKSVKWETGSTGWWW
KLPDALNNIGMFGQNVQHHYLYRSGFLIHVQCNATKFHQGALLVVAIPEHQRGAHNTNTSPGFDDIMKGEEGGTFNHPYV
LDDGTSLACATIFPHQWINLRTNNSATIVLPWMNAAPMDFPLRHNQWTLAIIPVVPLGTRTTSSMVPITVSIAPMCCEFN
GLRHAITQ
;
C
4 'polypeptide(L)' MGAQVTRQQTGTHENANIATNGSHITYNQINFYKDSYAASASKQDFSQDPSKFTEPVVEGLKAGAPVLK D
#
# COMPACT_ATOMS: atom_id res chain seq x y z
N ILE A 13 -12.17 -14.54 -9.72
CA ILE A 13 -11.69 -15.86 -10.09
C ILE A 13 -10.33 -15.75 -10.80
N GLU A 14 -9.39 -16.58 -10.37
CA GLU A 14 -8.04 -16.55 -10.91
C GLU A 14 -8.04 -16.93 -12.39
N SER A 15 -7.30 -16.18 -13.20
CA SER A 15 -7.08 -16.55 -14.59
C SER A 15 -5.73 -16.02 -15.03
N ILE A 16 -5.23 -16.60 -16.12
CA ILE A 16 -3.98 -16.19 -16.77
C ILE A 16 -4.24 -14.99 -17.66
N ILE A 17 -3.55 -13.88 -17.40
CA ILE A 17 -3.69 -12.64 -18.16
C ILE A 17 -2.34 -12.26 -18.74
N LYS A 18 -2.18 -12.36 -20.05
CA LYS A 18 -0.95 -11.94 -20.71
C LYS A 18 -1.06 -10.61 -21.44
N THR A 19 -2.24 -10.25 -21.93
CA THR A 19 -2.47 -9.00 -22.62
C THR A 19 -3.69 -8.30 -22.06
N ALA A 20 -3.72 -6.99 -22.24
CA ALA A 20 -4.89 -6.18 -21.90
C ALA A 20 -6.13 -6.63 -22.67
N THR A 21 -7.29 -6.36 -22.08
CA THR A 21 -8.54 -6.88 -22.63
C THR A 21 -8.96 -6.15 -23.90
N ASP A 22 -9.60 -6.91 -24.78
CA ASP A 22 -10.26 -6.42 -25.98
C ASP A 22 -11.50 -5.60 -25.65
N THR A 23 -11.86 -4.70 -26.56
CA THR A 23 -13.12 -3.96 -26.54
C THR A 23 -14.07 -4.49 -27.59
N VAL A 24 -15.32 -4.77 -27.19
CA VAL A 24 -16.39 -5.14 -28.11
C VAL A 24 -17.14 -3.88 -28.55
N LYS A 25 -17.65 -3.89 -29.77
CA LYS A 25 -18.58 -2.84 -30.19
C LYS A 25 -19.85 -2.89 -29.34
N SER A 26 -20.46 -1.73 -29.15
CA SER A 26 -21.72 -1.65 -28.42
C SER A 26 -22.69 -0.73 -29.15
N GLU A 27 -23.98 -0.99 -28.96
CA GLU A 27 -25.09 -0.25 -29.54
C GLU A 27 -25.73 0.70 -28.51
N ILE A 28 -26.78 1.39 -28.96
CA ILE A 28 -27.72 2.11 -28.08
C ILE A 28 -28.44 1.17 -27.12
N ASN A 29 -28.71 1.66 -25.89
CA ASN A 29 -29.33 0.80 -24.87
C ASN A 29 -30.81 1.03 -24.58
N ALA A 30 -31.14 2.07 -23.80
CA ALA A 30 -32.53 2.42 -23.41
C ALA A 30 -33.33 1.29 -22.72
N GLU A 31 -32.72 0.62 -21.74
CA GLU A 31 -33.41 -0.45 -21.03
C GLU A 31 -33.84 0.00 -19.62
N LEU A 32 -35.13 -0.19 -19.30
CA LEU A 32 -35.61 0.03 -17.95
C LEU A 32 -35.07 -1.01 -16.96
N GLY A 33 -34.73 -0.54 -15.77
CA GLY A 33 -34.19 -1.36 -14.71
C GLY A 33 -32.73 -1.70 -14.82
N VAL A 34 -32.06 -1.27 -15.87
CA VAL A 34 -30.65 -1.55 -16.10
C VAL A 34 -29.89 -0.24 -16.09
N VAL A 35 -29.02 -0.06 -15.12
CA VAL A 35 -28.27 1.18 -14.92
C VAL A 35 -26.82 0.85 -14.61
N PRO A 36 -26.05 0.38 -15.59
CA PRO A 36 -24.65 -0.01 -15.30
C PRO A 36 -23.73 1.12 -14.85
N SER A 37 -24.02 2.39 -15.11
CA SER A 37 -23.16 3.47 -14.63
C SER A 37 -23.40 3.87 -13.19
N LEU A 38 -24.53 3.49 -12.61
CA LEU A 38 -24.75 3.65 -11.18
C LEU A 38 -24.02 2.57 -10.39
N ASN A 39 -23.50 2.96 -9.23
CA ASN A 39 -22.64 2.12 -8.42
C ASN A 39 -22.93 2.42 -6.95
N ALA A 40 -22.41 1.57 -6.06
CA ALA A 40 -22.50 1.78 -4.61
C ALA A 40 -21.11 1.62 -3.98
N VAL A 41 -20.41 2.74 -3.81
CA VAL A 41 -19.09 2.78 -3.17
C VAL A 41 -19.09 2.29 -1.73
N GLU A 42 -20.21 2.44 -1.00
CA GLU A 42 -20.29 1.99 0.38
C GLU A 42 -20.07 0.49 0.57
N THR A 43 -20.35 -0.33 -0.45
CA THR A 43 -20.06 -1.76 -0.33
C THR A 43 -18.56 -2.05 -0.20
N GLY A 44 -17.69 -1.15 -0.63
CA GLY A 44 -16.29 -1.41 -0.69
C GLY A 44 -15.80 -1.99 -2.00
N ALA A 45 -16.69 -2.46 -2.86
CA ALA A 45 -16.28 -2.87 -4.20
C ALA A 45 -16.01 -1.66 -5.08
N THR A 46 -15.02 -1.79 -5.95
CA THR A 46 -14.77 -0.83 -7.01
C THR A 46 -15.83 -0.97 -8.10
N SER A 47 -16.13 0.14 -8.76
CA SER A 47 -17.04 0.21 -9.90
C SER A 47 -16.79 -0.85 -10.96
N ASN A 48 -17.86 -1.54 -11.33
CA ASN A 48 -17.85 -2.56 -12.37
C ASN A 48 -18.38 -2.07 -13.72
N THR A 49 -18.61 -0.77 -13.88
CA THR A 49 -19.03 -0.19 -15.16
C THR A 49 -18.00 -0.44 -16.25
N GLU A 50 -18.40 -1.05 -17.28
CA GLU A 50 -17.54 -1.23 -18.44
C GLU A 50 -17.69 -0.07 -19.41
N PRO A 51 -16.64 0.21 -20.19
CA PRO A 51 -16.75 1.22 -21.28
C PRO A 51 -17.85 0.95 -22.30
N GLU A 52 -18.08 -0.30 -22.68
CA GLU A 52 -19.19 -0.70 -23.54
C GLU A 52 -20.55 -0.33 -22.95
N GLU A 53 -20.65 -0.19 -21.65
CA GLU A 53 -21.88 0.20 -21.00
C GLU A 53 -22.04 1.72 -20.93
N ALA A 54 -20.94 2.45 -20.91
CA ALA A 54 -20.96 3.90 -20.74
C ALA A 54 -21.06 4.69 -22.04
N ILE A 55 -20.49 4.19 -23.13
CA ILE A 55 -20.46 4.86 -24.44
C ILE A 55 -20.64 3.79 -25.51
N GLN A 56 -20.93 4.23 -26.73
CA GLN A 56 -20.84 3.38 -27.91
C GLN A 56 -19.38 3.15 -28.34
N THR A 57 -18.95 1.88 -28.32
CA THR A 57 -17.58 1.48 -28.63
C THR A 57 -17.48 0.81 -30.00
N ARG A 58 -16.26 0.78 -30.53
CA ARG A 58 -15.88 -0.12 -31.61
C ARG A 58 -15.21 -1.37 -31.07
N THR A 59 -15.08 -2.37 -31.93
CA THR A 59 -14.21 -3.51 -31.66
C THR A 59 -12.74 -3.09 -31.72
N VAL A 60 -11.99 -3.42 -30.68
CA VAL A 60 -10.54 -3.27 -30.65
C VAL A 60 -9.93 -4.59 -30.19
N ILE A 61 -9.11 -5.20 -31.05
CA ILE A 61 -8.29 -6.34 -30.67
C ILE A 61 -7.01 -5.81 -30.02
N ASN A 62 -6.85 -6.06 -28.73
CA ASN A 62 -5.82 -5.43 -27.93
C ASN A 62 -4.63 -6.37 -27.81
N GLN A 63 -3.46 -5.90 -28.22
CA GLN A 63 -2.24 -6.70 -28.23
C GLN A 63 -1.22 -6.31 -27.18
N HIS A 64 -1.53 -5.35 -26.29
CA HIS A 64 -0.57 -4.84 -25.32
C HIS A 64 -0.25 -5.84 -24.22
N GLY A 65 1.02 -6.24 -24.12
CA GLY A 65 1.46 -7.11 -23.05
C GLY A 65 1.44 -6.50 -21.67
N VAL A 66 1.37 -7.36 -20.65
CA VAL A 66 1.31 -6.94 -19.25
C VAL A 66 2.51 -7.46 -18.44
N SER A 67 3.60 -7.87 -19.10
CA SER A 67 4.71 -8.48 -18.37
C SER A 67 5.50 -7.49 -17.54
N GLU A 68 5.55 -6.23 -17.95
CA GLU A 68 6.42 -5.30 -17.24
C GLU A 68 5.88 -4.89 -15.87
N THR A 69 4.59 -5.11 -15.59
CA THR A 69 4.01 -4.86 -14.28
C THR A 69 3.89 -6.11 -13.42
N LEU A 70 4.42 -7.26 -13.86
CA LEU A 70 4.63 -8.38 -12.97
C LEU A 70 5.43 -7.98 -11.73
N VAL A 71 4.99 -8.45 -10.57
CA VAL A 71 5.69 -8.17 -9.32
C VAL A 71 7.15 -8.59 -9.40
N GLU A 72 7.42 -9.73 -10.04
CA GLU A 72 8.79 -10.17 -10.27
C GLU A 72 9.61 -9.12 -11.01
N ASN A 73 9.06 -8.54 -12.08
CA ASN A 73 9.78 -7.53 -12.84
C ASN A 73 9.82 -6.19 -12.12
N PHE A 74 8.73 -5.83 -11.46
CA PHE A 74 8.65 -4.58 -10.73
C PHE A 74 9.68 -4.50 -9.62
N LEU A 75 9.85 -5.58 -8.86
CA LEU A 75 10.83 -5.60 -7.78
C LEU A 75 12.23 -6.12 -8.14
N SER A 76 12.39 -7.09 -9.04
CA SER A 76 13.70 -7.73 -9.24
C SER A 76 14.63 -6.92 -10.16
N ARG A 77 14.99 -5.74 -9.68
CA ARG A 77 16.12 -4.99 -10.19
C ARG A 77 17.02 -4.55 -9.04
N ALA A 78 18.33 -4.56 -9.28
CA ALA A 78 19.31 -4.34 -8.22
C ALA A 78 19.30 -2.89 -7.74
N ALA A 79 19.22 -2.71 -6.42
CA ALA A 79 19.21 -1.39 -5.82
C ALA A 79 20.22 -1.30 -4.69
N LEU A 80 20.84 -0.12 -4.56
CA LEU A 80 21.77 0.16 -3.47
C LEU A 80 21.10 0.06 -2.09
N VAL A 81 21.72 -0.72 -1.20
CA VAL A 81 21.20 -0.88 0.16
C VAL A 81 22.21 -0.43 1.21
N SER A 82 23.50 -0.44 0.87
CA SER A 82 24.54 0.00 1.79
C SER A 82 25.66 0.69 1.03
N LYS A 83 26.12 1.81 1.57
CA LYS A 83 27.32 2.49 1.06
C LYS A 83 28.20 2.90 2.23
N ARG A 84 29.46 2.48 2.24
CA ARG A 84 30.36 2.82 3.33
C ARG A 84 31.76 3.19 2.81
N SER A 85 32.28 4.31 3.28
CA SER A 85 33.66 4.72 3.03
C SER A 85 34.49 4.56 4.28
N PHE A 86 35.72 4.08 4.12
CA PHE A 86 36.66 4.05 5.24
C PHE A 86 38.08 4.27 4.75
N GLU A 87 38.95 4.63 5.69
CA GLU A 87 40.38 4.82 5.45
C GLU A 87 41.11 3.49 5.44
N TYR A 88 41.82 3.20 4.36
CA TYR A 88 42.84 2.17 4.32
C TYR A 88 44.19 2.81 4.55
N LYS A 89 44.71 2.66 5.78
CA LYS A 89 45.93 3.31 6.21
C LYS A 89 46.45 2.63 7.47
N ASP A 90 47.63 3.07 7.92
CA ASP A 90 48.11 2.81 9.28
C ASP A 90 47.20 3.54 10.26
N HIS A 91 46.47 2.79 11.08
CA HIS A 91 45.50 3.32 12.02
C HIS A 91 45.99 3.39 13.47
N THR A 92 47.29 3.21 13.72
CA THR A 92 47.80 3.12 15.09
C THR A 92 47.44 4.31 15.97
N SER A 93 47.19 5.48 15.41
CA SER A 93 46.82 6.65 16.20
C SER A 93 45.36 7.06 16.07
N SER A 94 44.55 6.37 15.28
CA SER A 94 43.21 6.85 15.01
C SER A 94 42.28 6.59 16.20
N THR A 95 41.18 7.33 16.22
CA THR A 95 40.23 7.30 17.33
C THR A 95 39.31 6.08 17.30
N ALA A 98 36.69 5.17 14.55
CA ALA A 98 37.07 5.03 13.16
C ALA A 98 36.94 3.59 12.71
N ASP A 99 36.70 3.41 11.41
CA ASP A 99 36.74 2.12 10.74
C ASP A 99 38.18 1.82 10.34
N LYS A 100 38.86 1.02 11.16
CA LYS A 100 40.30 0.81 11.05
C LYS A 100 40.58 -0.34 10.09
N ASN A 101 40.49 -0.04 8.79
CA ASN A 101 40.63 -0.95 7.66
C ASN A 101 39.50 -1.97 7.51
N PHE A 102 38.42 -1.86 8.28
CA PHE A 102 37.28 -2.75 8.11
C PHE A 102 36.04 -2.04 8.66
N PHE A 103 34.86 -2.53 8.26
CA PHE A 103 33.62 -2.07 8.87
C PHE A 103 32.67 -3.25 9.06
N LYS A 104 31.72 -3.06 9.97
CA LYS A 104 30.58 -3.93 10.21
C LYS A 104 29.31 -3.20 9.78
N TRP A 105 28.42 -3.87 9.05
CA TRP A 105 27.10 -3.33 8.74
C TRP A 105 25.99 -4.24 9.25
N THR A 106 25.11 -3.69 10.07
CA THR A 106 23.89 -4.40 10.47
C THR A 106 22.91 -4.33 9.31
N ILE A 107 22.68 -5.48 8.68
CA ILE A 107 21.95 -5.54 7.43
C ILE A 107 20.53 -5.02 7.58
N ASN A 108 20.17 -4.08 6.72
CA ASN A 108 18.81 -3.55 6.67
C ASN A 108 18.52 -3.14 5.24
N THR A 109 17.25 -2.95 4.94
CA THR A 109 16.85 -2.50 3.61
C THR A 109 16.15 -1.14 3.64
N ARG A 110 16.20 -0.42 4.74
CA ARG A 110 15.43 0.80 4.92
C ARG A 110 16.23 2.07 4.70
N SER A 111 17.53 1.99 4.42
CA SER A 111 18.37 3.19 4.41
C SER A 111 18.33 3.99 3.11
N PHE A 112 17.98 3.38 1.99
CA PHE A 112 17.93 4.08 0.71
C PHE A 112 16.51 4.04 0.18
N VAL A 113 15.95 5.21 -0.07
CA VAL A 113 14.51 5.39 -0.13
C VAL A 113 13.88 4.81 -1.38
N GLN A 114 14.61 4.71 -2.48
CA GLN A 114 14.03 4.18 -3.70
C GLN A 114 13.61 2.72 -3.55
N LEU A 115 14.52 1.87 -3.06
CA LEU A 115 14.16 0.48 -2.82
C LEU A 115 13.19 0.34 -1.65
N ARG A 116 13.41 1.09 -0.57
CA ARG A 116 12.50 1.07 0.57
C ARG A 116 11.05 1.34 0.18
N ARG A 117 10.79 2.42 -0.55
CA ARG A 117 9.42 2.76 -0.94
C ARG A 117 8.77 1.69 -1.80
N LYS A 118 9.51 1.10 -2.75
CA LYS A 118 8.94 0.00 -3.54
C LYS A 118 8.63 -1.22 -2.67
N LEU A 119 9.54 -1.60 -1.79
CA LEU A 119 9.29 -2.76 -0.94
C LEU A 119 8.08 -2.53 -0.03
N GLU A 120 7.92 -1.32 0.49
CA GLU A 120 6.82 -0.96 1.36
C GLU A 120 5.48 -0.78 0.65
N LEU A 121 5.38 -1.01 -0.65
CA LEU A 121 4.06 -1.18 -1.26
C LEU A 121 3.38 -2.49 -0.86
N PHE A 122 4.07 -3.37 -0.15
CA PHE A 122 3.57 -4.69 0.21
C PHE A 122 3.69 -4.91 1.70
N THR A 123 2.79 -5.73 2.24
CA THR A 123 2.84 -6.09 3.66
C THR A 123 3.79 -7.25 3.90
N TYR A 124 3.66 -8.31 3.10
CA TYR A 124 4.49 -9.49 3.22
C TYR A 124 5.18 -9.78 1.90
N LEU A 125 6.46 -10.10 2.00
CA LEU A 125 7.31 -10.44 0.88
C LEU A 125 8.11 -11.70 1.20
N ARG A 126 8.18 -12.62 0.24
CA ARG A 126 9.10 -13.74 0.31
C ARG A 126 9.99 -13.71 -0.92
N PHE A 127 11.30 -13.60 -0.72
CA PHE A 127 12.24 -13.57 -1.84
C PHE A 127 13.62 -14.05 -1.40
N ASP A 128 14.39 -14.53 -2.37
CA ASP A 128 15.85 -14.66 -2.30
C ASP A 128 16.52 -13.35 -2.74
N ALA A 129 17.64 -13.04 -2.10
CA ALA A 129 18.39 -11.80 -2.32
C ALA A 129 19.71 -12.04 -3.06
N GLU A 130 19.79 -11.58 -4.31
CA GLU A 130 21.06 -11.48 -5.03
C GLU A 130 21.84 -10.26 -4.57
N ILE A 131 23.07 -10.45 -4.09
CA ILE A 131 23.88 -9.38 -3.52
C ILE A 131 25.07 -9.11 -4.46
N THR A 132 25.24 -7.83 -4.85
CA THR A 132 26.38 -7.40 -5.64
C THR A 132 27.18 -6.39 -4.83
N ILE A 133 28.50 -6.60 -4.74
CA ILE A 133 29.39 -5.73 -3.96
C ILE A 133 30.35 -5.02 -4.91
N LEU A 134 30.24 -3.69 -4.97
CA LEU A 134 31.07 -2.84 -5.82
C LEU A 134 32.04 -2.04 -4.95
N THR A 135 33.32 -2.12 -5.25
CA THR A 135 34.36 -1.44 -4.48
C THR A 135 35.12 -0.46 -5.35
N THR A 136 35.47 0.68 -4.77
CA THR A 136 36.18 1.74 -5.46
C THR A 136 37.19 2.36 -4.49
N VAL A 137 38.28 2.90 -5.03
CA VAL A 137 39.39 3.40 -4.21
C VAL A 137 39.91 4.71 -4.80
N ALA A 138 40.24 5.66 -3.93
CA ALA A 138 40.94 6.88 -4.29
C ALA A 138 42.12 7.11 -3.35
N VAL A 139 43.17 7.76 -3.88
CA VAL A 139 44.30 8.19 -3.06
C VAL A 139 43.91 9.41 -2.22
N ASN A 140 44.30 9.39 -0.94
CA ASN A 140 44.08 10.52 -0.06
C ASN A 140 44.97 11.71 -0.43
N GLY A 141 44.41 12.91 -0.29
CA GLY A 141 45.12 14.14 -0.57
C GLY A 141 46.25 14.45 0.40
N TYR A 147 49.35 11.65 -5.79
CA TYR A 147 48.82 10.52 -6.53
C TYR A 147 49.95 9.59 -7.01
N VAL A 148 49.70 8.29 -6.97
CA VAL A 148 50.72 7.27 -7.14
C VAL A 148 50.19 6.05 -7.89
N GLY A 149 49.01 6.16 -8.48
CA GLY A 149 48.26 4.99 -8.91
C GLY A 149 47.37 4.43 -7.82
N LEU A 150 46.46 3.55 -8.25
CA LEU A 150 45.51 2.87 -7.37
C LEU A 150 45.90 1.42 -7.15
N PRO A 151 45.91 0.95 -5.91
CA PRO A 151 46.29 -0.44 -5.63
C PRO A 151 45.16 -1.42 -5.89
N ASP A 152 45.53 -2.61 -6.36
CA ASP A 152 44.59 -3.72 -6.54
C ASP A 152 44.47 -4.54 -5.26
N LEU A 153 43.60 -4.09 -4.36
CA LEU A 153 43.41 -4.71 -3.05
C LEU A 153 42.56 -5.98 -3.13
N THR A 154 42.82 -6.90 -2.21
CA THR A 154 41.90 -7.99 -1.90
C THR A 154 41.02 -7.59 -0.71
N LEU A 155 39.72 -7.78 -0.84
CA LEU A 155 38.77 -7.60 0.25
C LEU A 155 38.13 -8.94 0.63
N GLN A 156 37.73 -9.04 1.89
CA GLN A 156 36.93 -10.13 2.40
C GLN A 156 35.61 -9.59 2.92
N ALA A 157 34.50 -10.11 2.40
CA ALA A 157 33.18 -9.92 2.99
C ALA A 157 32.76 -11.18 3.74
N MET A 158 32.40 -11.04 5.01
CA MET A 158 31.99 -12.17 5.84
C MET A 158 30.57 -11.92 6.37
N PHE A 159 29.66 -12.85 6.08
CA PHE A 159 28.32 -12.83 6.65
C PHE A 159 28.36 -13.40 8.06
N VAL A 160 28.05 -12.58 9.05
CA VAL A 160 28.00 -13.00 10.46
C VAL A 160 26.55 -13.05 10.91
N PRO A 161 25.93 -14.23 10.96
CA PRO A 161 24.55 -14.35 11.43
C PRO A 161 24.37 -13.94 12.89
N THR A 162 23.09 -13.87 13.27
CA THR A 162 22.68 -13.66 14.66
C THR A 162 23.42 -14.56 15.64
N GLY A 163 23.96 -13.95 16.69
CA GLY A 163 24.62 -14.67 17.76
C GLY A 163 26.04 -15.12 17.50
N ALA A 164 26.54 -14.98 16.28
CA ALA A 164 27.96 -15.15 16.00
C ALA A 164 28.76 -13.92 16.43
N LEU A 165 30.04 -14.14 16.71
CA LEU A 165 30.95 -13.07 17.09
C LEU A 165 31.39 -12.29 15.86
N THR A 166 31.29 -10.93 15.93
CA THR A 166 31.84 -10.09 14.88
C THR A 166 33.32 -9.77 15.13
N PRO A 167 34.09 -9.59 14.05
CA PRO A 167 35.47 -9.11 14.18
C PRO A 167 35.62 -7.79 14.93
N GLU A 168 36.64 -7.73 15.78
CA GLU A 168 37.03 -6.51 16.49
C GLU A 168 38.17 -5.76 15.82
N LYS A 169 38.93 -6.42 14.95
CA LYS A 169 40.14 -5.86 14.35
C LYS A 169 40.26 -6.41 12.94
N GLN A 170 41.05 -5.71 12.12
CA GLN A 170 41.34 -6.17 10.76
C GLN A 170 42.01 -7.54 10.77
N ASP A 171 42.84 -7.83 11.76
CA ASP A 171 43.59 -9.06 11.85
C ASP A 171 43.11 -10.04 12.92
N SER A 172 41.94 -9.82 13.50
CA SER A 172 41.41 -10.79 14.45
C SER A 172 41.17 -12.13 13.78
N PHE A 173 41.17 -13.18 14.59
CA PHE A 173 40.99 -14.55 14.14
C PHE A 173 39.55 -14.89 13.75
N HIS A 174 38.59 -14.01 14.03
CA HIS A 174 37.24 -14.17 13.51
C HIS A 174 37.23 -14.34 11.99
N TRP A 175 38.13 -13.64 11.30
CA TRP A 175 38.22 -13.69 9.84
C TRP A 175 38.67 -15.04 9.28
N GLN A 176 39.12 -15.98 10.10
CA GLN A 176 39.48 -17.29 9.57
C GLN A 176 38.27 -18.05 9.00
N SER A 177 37.05 -17.65 9.39
CA SER A 177 35.80 -18.02 8.71
C SER A 177 35.58 -19.53 8.59
N GLY A 178 35.78 -20.25 9.70
CA GLY A 178 35.63 -21.70 9.66
C GLY A 178 34.26 -22.14 9.19
N SER A 179 33.21 -21.43 9.59
CA SER A 179 31.84 -21.76 9.23
C SER A 179 31.02 -20.62 8.67
N ASN A 180 31.41 -19.37 8.90
CA ASN A 180 30.78 -18.25 8.20
C ASN A 180 31.09 -18.29 6.70
N ALA A 181 30.11 -17.91 5.89
CA ALA A 181 30.35 -17.61 4.48
C ALA A 181 31.16 -16.33 4.33
N SER A 182 32.31 -16.46 3.67
CA SER A 182 33.13 -15.34 3.24
C SER A 182 33.28 -15.37 1.73
N VAL A 183 33.32 -14.19 1.12
CA VAL A 183 33.78 -14.05 -0.26
C VAL A 183 35.00 -13.15 -0.27
N PHE A 184 36.05 -13.61 -0.93
CA PHE A 184 37.27 -12.84 -1.19
C PHE A 184 37.24 -12.35 -2.63
N PHE A 185 37.50 -11.05 -2.82
CA PHE A 185 37.35 -10.46 -4.15
C PHE A 185 38.32 -9.30 -4.31
N LYS A 186 38.78 -9.11 -5.53
CA LYS A 186 39.69 -8.04 -5.90
C LYS A 186 38.92 -6.82 -6.40
N ILE A 187 39.56 -5.67 -6.27
CA ILE A 187 39.04 -4.44 -6.87
C ILE A 187 39.09 -4.48 -8.40
N SER A 188 40.09 -5.13 -8.98
CA SER A 188 40.14 -5.27 -10.43
C SER A 188 39.18 -6.33 -10.98
N ASP A 189 38.60 -7.19 -10.15
CA ASP A 189 37.55 -8.09 -10.60
C ASP A 189 36.29 -7.33 -11.00
N PRO A 190 35.41 -7.97 -11.78
CA PRO A 190 33.99 -7.61 -11.73
C PRO A 190 33.48 -7.56 -10.30
N PRO A 191 32.41 -6.82 -10.04
CA PRO A 191 31.75 -6.88 -8.73
C PRO A 191 31.44 -8.28 -8.24
N ALA A 192 31.75 -8.55 -6.97
CA ALA A 192 31.44 -9.82 -6.34
C ALA A 192 29.92 -10.03 -6.24
N ARG A 193 29.47 -11.27 -6.49
CA ARG A 193 28.04 -11.59 -6.42
C ARG A 193 27.76 -12.92 -5.71
N ILE A 194 26.78 -12.90 -4.80
CA ILE A 194 26.24 -14.11 -4.18
C ILE A 194 24.72 -13.96 -4.08
N THR A 195 24.02 -15.10 -4.05
CA THR A 195 22.61 -15.12 -3.66
C THR A 195 22.46 -15.54 -2.20
N ILE A 196 21.68 -14.79 -1.45
CA ILE A 196 21.25 -15.18 -0.11
C ILE A 196 19.86 -15.79 -0.21
N PRO A 197 19.64 -16.99 0.31
CA PRO A 197 18.29 -17.57 0.26
C PRO A 197 17.34 -16.76 1.14
N PHE A 198 16.05 -16.84 0.80
CA PHE A 198 14.99 -16.44 1.73
C PHE A 198 15.18 -17.12 3.08
N MET A 199 15.46 -16.33 4.11
CA MET A 199 15.96 -16.87 5.37
C MET A 199 15.13 -16.45 6.58
N CYS A 200 13.95 -15.87 6.37
CA CYS A 200 13.02 -15.64 7.47
C CYS A 200 12.63 -16.96 8.15
N ILE A 201 12.43 -16.89 9.47
CA ILE A 201 11.87 -18.03 10.19
C ILE A 201 10.37 -18.20 9.96
N ASN A 202 9.71 -17.23 9.36
CA ASN A 202 8.35 -17.37 8.85
C ASN A 202 8.37 -17.62 7.35
N SER A 203 7.17 -17.86 6.82
CA SER A 203 6.98 -18.05 5.38
C SER A 203 7.14 -16.77 4.57
N ALA A 204 7.05 -15.60 5.19
CA ALA A 204 7.29 -14.35 4.50
C ALA A 204 7.94 -13.36 5.45
N TYR A 205 8.74 -12.45 4.88
CA TYR A 205 9.17 -11.30 5.65
C TYR A 205 7.97 -10.42 5.97
N SER A 206 7.99 -9.85 7.16
CA SER A 206 7.06 -8.79 7.56
C SER A 206 7.66 -7.44 7.20
N VAL A 207 7.16 -6.85 6.10
CA VAL A 207 7.65 -5.54 5.67
C VAL A 207 7.25 -4.48 6.69
N PHE A 208 6.03 -4.61 7.23
CA PHE A 208 5.55 -3.83 8.36
C PHE A 208 5.22 -4.76 9.50
N TYR A 209 5.40 -4.27 10.71
CA TYR A 209 5.20 -5.10 11.89
C TYR A 209 4.57 -4.27 12.99
N ASP A 210 3.29 -4.48 13.23
CA ASP A 210 2.55 -3.77 14.27
C ASP A 210 2.73 -4.48 15.63
N GLY A 211 3.95 -4.47 16.13
CA GLY A 211 4.25 -5.21 17.34
C GLY A 211 5.59 -4.85 17.93
N PHE A 212 5.91 -5.51 19.03
CA PHE A 212 7.12 -5.26 19.81
C PHE A 212 8.00 -6.49 19.83
N ALA A 213 9.30 -6.27 19.78
CA ALA A 213 10.26 -7.35 19.55
C ALA A 213 10.44 -8.30 20.73
N GLY A 214 10.15 -7.88 21.97
CA GLY A 214 10.45 -8.68 23.13
C GLY A 214 9.24 -8.95 24.01
N PHE A 215 9.45 -9.79 25.01
CA PHE A 215 8.42 -10.11 25.99
C PHE A 215 8.25 -9.06 27.07
N GLU A 216 9.27 -8.26 27.34
CA GLU A 216 9.07 -7.05 28.12
C GLU A 216 8.48 -5.94 27.25
N LYS A 217 8.25 -4.78 27.85
CA LYS A 217 7.65 -3.66 27.14
C LYS A 217 8.68 -2.75 26.45
N ASN A 218 9.96 -2.92 26.73
CA ASN A 218 11.01 -2.02 26.25
C ASN A 218 11.59 -2.41 24.89
N GLY A 219 11.18 -3.52 24.30
CA GLY A 219 11.66 -3.89 22.98
C GLY A 219 11.27 -2.89 21.90
N LEU A 220 11.96 -2.99 20.77
CA LEU A 220 11.70 -2.12 19.63
C LEU A 220 10.30 -2.31 19.07
N TYR A 221 9.62 -1.19 18.82
CA TYR A 221 8.44 -1.22 17.97
C TYR A 221 8.84 -1.33 16.49
N GLY A 222 8.01 -2.02 15.72
CA GLY A 222 8.04 -1.96 14.28
C GLY A 222 9.06 -2.86 13.58
N ILE A 223 9.82 -3.66 14.31
CA ILE A 223 10.76 -4.61 13.71
C ILE A 223 10.33 -5.99 14.13
N ASN A 224 10.06 -6.86 13.16
CA ASN A 224 9.79 -8.26 13.48
C ASN A 224 11.11 -8.97 13.74
N PRO A 225 11.32 -9.55 14.93
CA PRO A 225 12.52 -10.37 15.17
C PRO A 225 12.69 -11.51 14.17
N ALA A 226 11.60 -12.03 13.62
CA ALA A 226 11.65 -13.08 12.62
C ALA A 226 12.44 -12.73 11.37
N ASP A 227 12.63 -11.45 11.07
CA ASP A 227 13.25 -11.00 9.83
C ASP A 227 14.73 -10.65 9.96
N THR A 228 15.33 -10.81 11.14
CA THR A 228 16.74 -10.49 11.37
C THR A 228 17.67 -11.29 10.45
N ILE A 229 18.49 -10.58 9.67
CA ILE A 229 19.45 -11.22 8.77
C ILE A 229 20.80 -11.45 9.45
N GLY A 230 21.37 -10.43 10.06
CA GLY A 230 22.67 -10.51 10.68
C GLY A 230 23.61 -9.38 10.35
N ASN A 231 24.91 -9.66 10.25
CA ASN A 231 25.90 -8.64 9.98
C ASN A 231 26.77 -8.95 8.77
N LEU A 232 27.08 -7.91 8.01
CA LEU A 232 28.07 -7.97 6.95
C LEU A 232 29.34 -7.27 7.42
N CYS A 233 30.43 -8.02 7.54
CA CYS A 233 31.73 -7.48 7.95
C CYS A 233 32.67 -7.50 6.76
N VAL A 234 33.25 -6.35 6.45
CA VAL A 234 34.11 -6.20 5.27
C VAL A 234 35.45 -5.63 5.70
N ARG A 235 36.53 -6.32 5.40
CA ARG A 235 37.87 -5.82 5.63
C ARG A 235 38.67 -5.77 4.34
N ILE A 236 39.67 -4.90 4.31
CA ILE A 236 40.80 -5.09 3.41
C ILE A 236 41.72 -6.16 3.97
N VAL A 237 42.12 -7.09 3.11
CA VAL A 237 42.96 -8.20 3.54
C VAL A 237 44.45 -7.82 3.50
N ASN A 238 44.84 -6.95 2.58
CA ASN A 238 46.21 -6.43 2.55
C ASN A 238 46.53 -5.69 3.85
N GLU A 239 47.78 -5.85 4.30
CA GLU A 239 48.38 -4.92 5.25
C GLU A 239 48.36 -3.51 4.67
N HIS A 240 48.34 -2.52 5.56
CA HIS A 240 48.36 -1.14 5.10
C HIS A 240 49.63 -0.85 4.29
N GLN A 241 49.49 0.08 3.37
CA GLN A 241 50.59 0.64 2.61
C GLN A 241 51.20 1.82 3.35
N PRO A 242 52.34 2.34 2.89
CA PRO A 242 52.86 3.59 3.48
C PRO A 242 51.96 4.80 3.25
N VAL A 243 51.01 4.78 2.34
CA VAL A 243 50.14 5.92 2.07
C VAL A 243 48.69 5.50 2.25
N GLY A 244 47.85 6.48 2.57
CA GLY A 244 46.44 6.25 2.83
C GLY A 244 45.54 6.30 1.60
N PHE A 245 44.53 5.44 1.59
CA PHE A 245 43.50 5.42 0.59
C PHE A 245 42.14 5.48 1.24
N THR A 246 41.16 6.01 0.52
CA THR A 246 39.76 5.83 0.88
C THR A 246 39.17 4.71 0.04
N VAL A 247 38.60 3.71 0.70
CA VAL A 247 37.86 2.65 0.06
C VAL A 247 36.36 2.89 0.30
N THR A 248 35.57 2.79 -0.75
CA THR A 248 34.12 2.84 -0.63
C THR A 248 33.53 1.52 -1.10
N VAL A 249 32.66 0.94 -0.28
CA VAL A 249 31.94 -0.28 -0.61
C VAL A 249 30.48 0.06 -0.83
N ARG A 250 29.92 -0.45 -1.93
CA ARG A 250 28.51 -0.34 -2.25
C ARG A 250 27.92 -1.74 -2.33
N VAL A 251 26.83 -1.95 -1.62
CA VAL A 251 26.08 -3.21 -1.66
C VAL A 251 24.77 -2.99 -2.39
N TYR A 252 24.48 -3.84 -3.38
CA TYR A 252 23.21 -3.88 -4.07
C TYR A 252 22.48 -5.18 -3.74
N MET A 253 21.18 -5.08 -3.50
CA MET A 253 20.29 -6.23 -3.40
C MET A 253 19.33 -6.27 -4.60
N LYS A 254 19.12 -7.46 -5.14
CA LYS A 254 18.03 -7.72 -6.08
C LYS A 254 17.14 -8.84 -5.56
N PRO A 255 15.90 -8.57 -5.16
CA PRO A 255 14.94 -9.66 -4.87
C PRO A 255 14.68 -10.53 -6.09
N LYS A 256 14.58 -11.83 -5.88
CA LYS A 256 14.17 -12.71 -6.97
C LYS A 256 13.34 -13.85 -6.40
N HIS A 257 12.60 -14.52 -7.28
CA HIS A 257 11.67 -15.60 -6.90
C HIS A 257 10.66 -15.11 -5.88
N ILE A 258 10.03 -13.99 -6.20
CA ILE A 258 9.29 -13.14 -5.30
C ILE A 258 7.83 -13.60 -5.19
N LYS A 259 7.33 -13.71 -3.95
CA LYS A 259 5.90 -13.65 -3.67
C LYS A 259 5.57 -12.46 -2.79
N ALA A 260 4.42 -11.85 -3.04
CA ALA A 260 4.00 -10.59 -2.43
C ALA A 260 2.53 -10.65 -2.02
N TRP A 261 2.24 -10.11 -0.85
CA TRP A 261 0.89 -10.12 -0.32
C TRP A 261 0.55 -8.77 0.29
N ALA A 262 -0.74 -8.42 0.20
CA ALA A 262 -1.49 -7.29 0.75
C ALA A 262 -0.89 -5.92 0.39
N PRO A 263 -1.14 -5.45 -0.83
CA PRO A 263 -0.65 -4.13 -1.23
C PRO A 263 -1.18 -3.00 -0.37
N ARG A 264 -0.35 -1.98 -0.19
CA ARG A 264 -0.45 -0.91 0.79
C ARG A 264 -0.50 0.44 0.07
N PRO A 265 -1.11 1.44 0.68
CA PRO A 265 -0.95 2.81 0.19
C PRO A 265 0.50 3.26 0.28
N PRO A 266 1.01 3.88 -0.78
CA PRO A 266 2.42 4.33 -0.81
C PRO A 266 2.77 5.45 0.17
N ARG A 267 4.03 5.45 0.58
CA ARG A 267 4.64 6.54 1.33
C ARG A 267 4.55 7.88 0.59
N THR A 268 4.06 8.89 1.30
CA THR A 268 3.93 10.25 0.76
C THR A 268 4.93 11.20 1.39
N LEU A 269 5.01 11.22 2.68
CA LEU A 269 5.90 12.12 3.38
C LEU A 269 7.33 11.59 3.31
N PRO A 270 8.32 12.47 3.32
CA PRO A 270 9.71 12.01 3.40
C PRO A 270 9.91 11.09 4.60
N TYR A 271 10.71 10.05 4.41
CA TYR A 271 11.17 9.28 5.54
C TYR A 271 12.05 10.12 6.45
N MET A 272 11.93 9.88 7.75
CA MET A 272 12.78 10.48 8.76
C MET A 272 13.90 9.55 9.22
N SER A 273 13.63 8.26 9.31
CA SER A 273 14.44 7.32 10.07
C SER A 273 14.41 5.96 9.39
N ILE A 274 15.45 5.17 9.59
CA ILE A 274 15.43 3.77 9.18
C ILE A 274 14.68 2.90 10.18
N ALA A 275 14.55 3.34 11.44
CA ALA A 275 14.01 2.55 12.53
C ALA A 275 12.48 2.60 12.63
N ASN A 276 11.81 3.50 11.95
CA ASN A 276 10.38 3.69 12.16
C ASN A 276 9.76 4.33 10.93
N ALA A 277 8.44 4.43 10.95
CA ALA A 277 7.62 5.14 9.98
C ALA A 277 7.37 6.61 10.32
N ASN A 278 8.14 7.21 11.23
CA ASN A 278 7.86 8.59 11.64
C ASN A 278 7.87 9.55 10.45
N TYR A 279 7.10 10.62 10.60
CA TYR A 279 6.79 11.49 9.48
C TYR A 279 6.75 12.93 9.95
N LYS A 280 7.14 13.82 9.08
CA LYS A 280 7.08 15.26 9.27
C LYS A 280 6.46 15.99 8.09
N GLY A 281 6.75 15.55 6.88
CA GLY A 281 6.38 16.23 5.66
C GLY A 281 7.35 17.35 5.32
N LYS A 282 7.26 17.77 4.06
CA LYS A 282 7.90 18.99 3.61
C LYS A 282 7.18 20.23 4.15
N GLU A 283 7.92 21.33 4.20
CA GLU A 283 7.39 22.55 4.82
C GLU A 283 6.18 23.08 4.06
N ARG A 284 6.12 22.87 2.75
CA ARG A 284 4.95 23.23 1.96
C ARG A 284 4.77 22.21 0.84
N ALA A 285 3.57 22.21 0.27
CA ALA A 285 3.17 21.25 -0.75
C ALA A 285 4.08 21.33 -1.98
N PRO A 286 4.30 20.21 -2.67
CA PRO A 286 3.75 18.86 -2.44
C PRO A 286 4.39 18.12 -1.26
N ASN A 287 3.70 17.09 -0.78
CA ASN A 287 4.15 16.20 0.30
C ASN A 287 4.40 16.96 1.59
N ALA A 288 3.59 17.98 1.86
CA ALA A 288 3.44 18.52 3.20
C ALA A 288 2.36 17.73 3.93
N LEU A 289 2.43 17.74 5.27
CA LEU A 289 1.45 17.01 6.07
C LEU A 289 0.05 17.55 5.88
N SER A 290 -0.10 18.85 5.62
CA SER A 290 -1.40 19.44 5.37
C SER A 290 -1.84 19.35 3.92
N ALA A 291 -0.93 19.10 2.98
CA ALA A 291 -1.25 19.17 1.55
C ALA A 291 -0.24 18.33 0.79
N ILE A 292 -0.69 17.18 0.28
CA ILE A 292 0.19 16.30 -0.48
C ILE A 292 0.34 16.79 -1.92
N ILE A 293 -0.75 17.14 -2.54
CA ILE A 293 -0.75 17.71 -3.88
C ILE A 293 -0.53 19.21 -3.78
N GLY A 294 0.26 19.74 -4.71
CA GLY A 294 0.43 21.18 -4.83
C GLY A 294 -0.87 21.91 -5.16
N ASN A 295 -0.97 23.12 -4.65
CA ASN A 295 -2.20 23.89 -4.77
C ASN A 295 -2.38 24.50 -6.16
N ARG A 296 -3.63 24.54 -6.61
CA ARG A 296 -4.13 25.41 -7.66
C ARG A 296 -5.04 26.48 -7.05
N ASP A 297 -5.31 27.54 -7.82
CA ASP A 297 -6.09 28.67 -7.33
C ASP A 297 -7.51 28.30 -6.90
N SER A 298 -8.17 27.42 -7.64
CA SER A 298 -9.53 27.02 -7.29
C SER A 298 -9.84 25.67 -7.94
N VAL A 299 -10.93 25.05 -7.49
CA VAL A 299 -11.44 23.86 -8.13
C VAL A 299 -11.92 24.09 -9.56
N LYS A 300 -12.03 25.33 -10.00
CA LYS A 300 -12.37 25.69 -11.37
C LYS A 300 -11.18 26.08 -12.22
N THR A 301 -9.97 26.03 -11.69
CA THR A 301 -8.77 26.43 -12.41
C THR A 301 -8.13 25.21 -13.07
N MET A 302 -7.91 25.30 -14.37
CA MET A 302 -7.17 24.27 -15.09
C MET A 302 -5.72 24.71 -15.23
N PRO A 303 -4.78 24.09 -14.50
CA PRO A 303 -3.43 24.68 -14.37
C PRO A 303 -2.61 24.77 -15.65
N HIS A 304 -2.71 23.82 -16.57
CA HIS A 304 -1.96 23.86 -17.82
C HIS A 304 -2.88 23.96 -19.02
N ASN A 305 -3.94 24.76 -18.90
CA ASN A 305 -4.97 24.85 -19.93
C ASN A 305 -4.41 25.28 -21.27
N ILE A 306 -4.82 24.58 -22.33
CA ILE A 306 -4.41 24.87 -23.71
C ILE A 306 -5.11 26.14 -24.16
N VAL A 307 -4.35 27.14 -24.59
CA VAL A 307 -4.92 28.37 -25.11
C VAL A 307 -4.27 28.72 -26.44
N ASN A 308 -5.11 28.99 -27.44
CA ASN A 308 -4.65 29.33 -28.78
C ASN A 308 -5.44 30.53 -29.28
N GLY B 1 41.35 -27.47 -23.90
CA GLY B 1 40.35 -26.50 -23.52
C GLY B 1 39.49 -25.99 -24.64
N VAL B 2 38.48 -25.21 -24.28
CA VAL B 2 37.55 -24.61 -25.23
C VAL B 2 38.11 -23.27 -25.71
N PRO B 3 38.23 -23.04 -27.01
CA PRO B 3 38.60 -21.70 -27.49
C PRO B 3 37.43 -20.74 -27.30
N THR B 4 37.73 -19.59 -26.70
CA THR B 4 36.73 -18.59 -26.37
C THR B 4 37.29 -17.22 -26.67
N TYR B 5 36.40 -16.25 -26.76
CA TYR B 5 36.75 -14.83 -26.77
C TYR B 5 35.70 -14.07 -25.98
N LEU B 6 36.13 -12.97 -25.36
CA LEU B 6 35.23 -12.09 -24.63
C LEU B 6 34.61 -11.02 -25.52
N LEU B 7 33.30 -10.84 -25.40
CA LEU B 7 32.53 -9.81 -26.09
C LEU B 7 32.54 -8.46 -25.35
N PRO B 8 32.23 -7.37 -26.05
CA PRO B 8 31.80 -6.15 -25.35
C PRO B 8 30.67 -6.39 -24.35
N GLY B 9 30.78 -5.74 -23.18
CA GLY B 9 29.91 -5.99 -22.06
C GLY B 9 30.40 -7.05 -21.08
N SER B 10 31.53 -7.68 -21.35
CA SER B 10 32.11 -8.58 -20.38
C SER B 10 32.51 -7.82 -19.12
N GLY B 11 32.14 -8.38 -17.97
CA GLY B 11 32.48 -7.83 -16.67
C GLY B 11 31.68 -6.64 -16.19
N GLN B 12 30.67 -6.19 -16.92
CA GLN B 12 29.80 -5.10 -16.50
C GLN B 12 28.81 -5.56 -15.41
N PHE B 13 28.40 -4.64 -14.54
CA PHE B 13 27.26 -4.84 -13.64
C PHE B 13 26.09 -3.99 -14.16
N LEU B 14 25.26 -4.63 -14.97
CA LEU B 14 23.94 -4.13 -15.35
C LEU B 14 22.92 -4.47 -14.27
N THR B 15 22.25 -3.44 -13.72
CA THR B 15 21.33 -3.64 -12.61
C THR B 15 20.06 -4.38 -13.02
N THR B 16 19.75 -4.49 -14.31
CA THR B 16 18.59 -5.24 -14.76
C THR B 16 18.93 -6.59 -15.37
N ASP B 17 20.17 -7.05 -15.24
CA ASP B 17 20.55 -8.37 -15.70
C ASP B 17 19.78 -9.47 -14.97
N ASP B 18 19.82 -10.67 -15.53
CA ASP B 18 19.08 -11.79 -14.96
C ASP B 18 19.89 -13.07 -15.14
N HIS B 19 20.67 -13.42 -14.13
CA HIS B 19 21.51 -14.61 -14.15
C HIS B 19 21.32 -15.39 -12.86
N SER B 20 21.68 -16.66 -12.89
CA SER B 20 21.93 -17.39 -11.66
C SER B 20 23.23 -16.90 -11.00
N SER B 21 23.32 -17.03 -9.68
CA SER B 21 24.55 -16.69 -8.99
C SER B 21 24.77 -17.61 -7.79
N ALA B 22 26.01 -17.63 -7.33
CA ALA B 22 26.51 -18.58 -6.35
C ALA B 22 25.75 -18.53 -5.02
N PRO B 23 25.15 -19.64 -4.57
CA PRO B 23 24.45 -19.67 -3.28
C PRO B 23 25.42 -19.67 -2.10
N ALA B 24 25.35 -18.62 -1.29
CA ALA B 24 26.27 -18.44 -0.16
C ALA B 24 26.03 -19.44 0.97
N LEU B 25 24.80 -19.95 1.12
CA LEU B 25 24.46 -20.89 2.17
C LEU B 25 24.07 -22.23 1.56
N PRO B 26 25.02 -23.11 1.28
CA PRO B 26 24.66 -24.41 0.71
C PRO B 26 23.82 -25.25 1.65
N CYS B 27 22.95 -26.07 1.05
CA CYS B 27 22.00 -26.98 1.70
C CYS B 27 20.96 -26.28 2.57
N PHE B 28 20.87 -24.96 2.51
CA PHE B 28 19.84 -24.25 3.25
C PHE B 28 18.44 -24.71 2.82
N ASN B 29 17.58 -24.89 3.82
CA ASN B 29 16.17 -25.21 3.57
C ASN B 29 15.31 -24.02 3.98
N PRO B 30 14.74 -23.28 3.04
CA PRO B 30 13.79 -22.23 3.38
C PRO B 30 12.56 -22.73 4.14
N THR B 31 11.99 -21.83 4.94
CA THR B 31 10.76 -22.13 5.67
C THR B 31 9.65 -22.54 4.70
N PRO B 32 8.92 -23.62 4.99
CA PRO B 32 7.79 -24.01 4.13
C PRO B 32 6.86 -22.84 3.83
N GLU B 33 6.33 -22.82 2.62
CA GLU B 33 5.33 -21.83 2.25
C GLU B 33 4.02 -22.05 2.98
N MET B 34 3.36 -20.96 3.33
CA MET B 34 2.07 -20.97 3.98
C MET B 34 1.15 -20.08 3.14
N HIS B 35 -0.11 -20.45 3.04
CA HIS B 35 -1.10 -19.58 2.41
C HIS B 35 -1.32 -18.30 3.22
N ILE B 36 -1.18 -17.17 2.55
CA ILE B 36 -1.48 -15.86 3.11
C ILE B 36 -2.57 -15.22 2.25
N PRO B 37 -3.57 -14.59 2.86
CA PRO B 37 -4.51 -13.77 2.07
C PRO B 37 -3.83 -12.67 1.26
N GLY B 38 -4.43 -12.34 0.13
CA GLY B 38 -4.07 -11.16 -0.64
C GLY B 38 -2.79 -11.20 -1.46
N GLN B 39 -2.46 -12.33 -2.07
CA GLN B 39 -1.32 -12.35 -2.97
C GLN B 39 -1.57 -11.44 -4.19
N VAL B 40 -0.61 -10.58 -4.49
CA VAL B 40 -0.55 -9.80 -5.73
C VAL B 40 0.52 -10.38 -6.62
N ARG B 41 0.20 -10.52 -7.90
CA ARG B 41 1.12 -11.05 -8.88
C ARG B 41 1.40 -10.09 -10.03
N ASN B 42 0.47 -9.19 -10.33
CA ASN B 42 0.67 -8.14 -11.31
C ASN B 42 0.20 -6.83 -10.69
N MET B 43 1.04 -5.79 -10.81
CA MET B 43 0.69 -4.46 -10.32
C MET B 43 -0.54 -3.86 -11.00
N LEU B 44 -0.93 -4.32 -12.19
CA LEU B 44 -2.21 -3.92 -12.77
C LEU B 44 -3.42 -4.33 -11.94
N GLU B 45 -3.28 -5.33 -11.07
CA GLU B 45 -4.34 -5.61 -10.10
C GLU B 45 -4.53 -4.48 -9.10
N VAL B 46 -3.47 -3.76 -8.77
CA VAL B 46 -3.57 -2.70 -7.77
C VAL B 46 -4.20 -1.44 -8.35
N VAL B 47 -3.83 -1.04 -9.57
CA VAL B 47 -4.36 0.19 -10.14
C VAL B 47 -5.84 0.09 -10.51
N GLN B 48 -6.38 -1.13 -10.65
CA GLN B 48 -7.80 -1.33 -10.83
C GLN B 48 -8.63 -1.09 -9.58
N VAL B 49 -8.02 -0.92 -8.42
CA VAL B 49 -8.76 -0.52 -7.23
C VAL B 49 -8.93 1.00 -7.24
N GLU B 50 -10.17 1.47 -7.04
CA GLU B 50 -10.44 2.89 -6.95
C GLU B 50 -9.94 3.53 -5.65
N SER B 51 -9.44 4.75 -5.75
CA SER B 51 -8.90 5.52 -4.64
C SER B 51 -9.23 7.00 -4.83
N MET B 52 -9.24 7.74 -3.72
CA MET B 52 -9.76 9.10 -3.68
C MET B 52 -8.86 10.10 -4.41
N MET B 53 -9.46 10.92 -5.27
CA MET B 53 -8.77 12.04 -5.90
C MET B 53 -8.70 13.24 -4.95
N GLU B 54 -7.56 13.93 -4.95
CA GLU B 54 -7.43 15.18 -4.22
C GLU B 54 -7.90 16.37 -5.07
N ILE B 55 -9.19 16.37 -5.39
CA ILE B 55 -9.76 17.34 -6.31
C ILE B 55 -9.68 18.76 -5.74
N ASN B 56 -9.91 18.91 -4.44
CA ASN B 56 -9.83 20.19 -3.75
C ASN B 56 -8.41 20.50 -3.27
N ASN B 57 -7.47 20.44 -4.20
CA ASN B 57 -6.08 20.82 -3.95
C ASN B 57 -5.86 22.34 -3.98
N THR B 58 -6.50 23.00 -3.04
CA THR B 58 -6.48 24.46 -2.97
C THR B 58 -5.95 24.87 -1.61
N GLU B 59 -5.28 26.01 -1.57
CA GLU B 59 -5.01 26.69 -0.31
C GLU B 59 -6.31 26.91 0.44
N SER B 60 -6.26 26.81 1.77
CA SER B 60 -7.38 26.81 2.70
C SER B 60 -8.17 25.49 2.78
N ALA B 61 -7.91 24.49 1.95
CA ALA B 61 -8.29 23.12 2.26
C ALA B 61 -7.12 22.44 2.96
N VAL B 62 -7.34 21.95 4.18
CA VAL B 62 -6.28 21.37 5.00
C VAL B 62 -6.60 19.90 5.25
N GLY B 63 -5.63 19.04 4.93
CA GLY B 63 -5.73 17.60 5.13
C GLY B 63 -6.92 16.93 4.46
N MET B 64 -7.75 16.25 5.24
CA MET B 64 -8.92 15.55 4.72
C MET B 64 -9.86 16.46 3.93
N GLU B 65 -9.86 17.77 4.22
CA GLU B 65 -10.69 18.70 3.46
C GLU B 65 -10.35 18.70 1.97
N ARG B 66 -9.17 18.24 1.61
CA ARG B 66 -8.74 18.18 0.21
C ARG B 66 -9.32 17.00 -0.55
N LEU B 67 -9.88 16.00 0.13
CA LEU B 67 -10.47 14.85 -0.53
C LEU B 67 -11.97 14.98 -0.82
N LYS B 68 -12.62 16.08 -0.45
CA LYS B 68 -14.03 16.30 -0.76
C LYS B 68 -14.25 17.61 -1.51
N VAL B 69 -15.27 17.62 -2.36
CA VAL B 69 -15.78 18.83 -3.00
C VAL B 69 -17.15 19.16 -2.43
N ASP B 70 -17.34 20.39 -1.98
CA ASP B 70 -18.61 20.85 -1.45
C ASP B 70 -19.50 21.49 -2.51
N ILE B 71 -20.75 21.05 -2.57
CA ILE B 71 -21.75 21.52 -3.51
C ILE B 71 -22.83 22.29 -2.75
N SER B 72 -23.24 23.43 -3.29
CA SER B 72 -24.34 24.21 -2.71
C SER B 72 -25.41 24.46 -3.77
N ALA B 73 -26.61 24.77 -3.29
CA ALA B 73 -27.67 25.27 -4.16
C ALA B 73 -27.26 26.57 -4.81
N LEU B 74 -27.49 26.67 -6.11
CA LEU B 74 -27.19 27.85 -6.89
C LEU B 74 -28.49 28.52 -7.34
N THR B 75 -28.39 29.79 -7.72
CA THR B 75 -29.53 30.54 -8.24
C THR B 75 -29.41 30.88 -9.72
N ASP B 76 -28.30 30.50 -10.37
CA ASP B 76 -28.15 30.63 -11.81
C ASP B 76 -28.13 29.23 -12.41
N VAL B 77 -28.73 29.07 -13.58
CA VAL B 77 -28.77 27.76 -14.22
C VAL B 77 -27.42 27.38 -14.83
N ASP B 78 -27.19 26.07 -14.90
CA ASP B 78 -26.12 25.38 -15.67
C ASP B 78 -24.70 25.80 -15.30
N GLN B 79 -24.46 26.14 -14.05
CA GLN B 79 -23.15 26.61 -13.61
C GLN B 79 -22.12 25.49 -13.52
N LEU B 80 -20.86 25.84 -13.83
CA LEU B 80 -19.71 25.01 -13.54
C LEU B 80 -19.48 24.83 -12.04
N LEU B 81 -19.26 23.58 -11.63
CA LEU B 81 -18.95 23.30 -10.23
C LEU B 81 -17.47 23.11 -9.95
N PHE B 82 -16.79 22.29 -10.77
CA PHE B 82 -15.36 22.05 -10.63
C PHE B 82 -14.86 21.42 -11.93
N ASN B 83 -13.54 21.42 -12.11
CA ASN B 83 -12.89 20.65 -13.15
C ASN B 83 -11.73 19.84 -12.56
N ILE B 84 -11.30 18.82 -13.31
CA ILE B 84 -10.20 17.94 -12.88
C ILE B 84 -9.12 17.86 -13.95
N PRO B 85 -7.92 18.36 -13.66
CA PRO B 85 -6.76 18.12 -14.53
C PRO B 85 -6.42 16.65 -14.64
N LEU B 86 -6.14 16.19 -15.86
CA LEU B 86 -5.89 14.78 -16.11
C LEU B 86 -4.43 14.40 -16.27
N ASP B 87 -3.49 15.32 -16.06
CA ASP B 87 -2.07 14.96 -16.11
C ASP B 87 -1.71 14.11 -14.89
N ILE B 88 -1.30 12.86 -15.13
CA ILE B 88 -0.77 12.04 -14.05
C ILE B 88 0.68 12.40 -13.75
N GLN B 89 1.42 12.90 -14.74
CA GLN B 89 2.81 13.27 -14.56
C GLN B 89 2.95 14.55 -13.75
N LEU B 90 2.14 15.56 -14.03
CA LEU B 90 2.22 16.77 -13.24
C LEU B 90 1.39 16.65 -11.98
N ASP B 91 1.71 17.48 -11.00
CA ASP B 91 1.19 17.35 -9.63
C ASP B 91 -0.26 17.86 -9.57
N GLY B 92 -1.18 16.97 -9.92
CA GLY B 92 -2.58 17.26 -9.82
C GLY B 92 -3.37 16.25 -8.99
N PRO B 93 -4.69 16.42 -8.97
CA PRO B 93 -5.57 15.52 -8.20
C PRO B 93 -5.35 14.03 -8.41
N LEU B 94 -4.82 13.61 -9.56
CA LEU B 94 -4.63 12.20 -9.85
C LEU B 94 -3.35 11.60 -9.27
N ARG B 95 -2.37 12.41 -8.89
CA ARG B 95 -1.04 11.88 -8.55
C ARG B 95 -1.08 10.92 -7.35
N ASN B 96 -1.60 11.37 -6.20
CA ASN B 96 -1.62 10.54 -4.99
C ASN B 96 -2.83 9.59 -4.96
N THR B 97 -2.85 8.71 -5.94
CA THR B 97 -3.89 7.69 -6.06
C THR B 97 -3.17 6.39 -6.34
N LEU B 98 -3.87 5.28 -6.19
CA LEU B 98 -3.26 3.98 -6.48
C LEU B 98 -2.83 3.90 -7.94
N VAL B 99 -3.74 4.22 -8.88
CA VAL B 99 -3.37 4.28 -10.29
C VAL B 99 -2.25 5.29 -10.49
N GLY B 100 -2.33 6.46 -9.87
CA GLY B 100 -1.31 7.47 -9.96
C GLY B 100 0.08 7.05 -9.50
N ASN B 101 0.20 6.58 -8.26
CA ASN B 101 1.52 6.24 -7.69
C ASN B 101 2.20 5.08 -8.40
N ILE B 102 1.42 4.07 -8.80
CA ILE B 102 2.03 2.95 -9.52
C ILE B 102 2.44 3.36 -10.93
N SER B 103 1.58 4.11 -11.62
CA SER B 103 1.91 4.53 -12.98
C SER B 103 3.17 5.38 -13.05
N ARG B 104 3.47 6.14 -12.01
CA ARG B 104 4.66 6.98 -12.00
C ARG B 104 5.97 6.21 -11.85
N TYR B 105 5.93 4.91 -11.56
CA TYR B 105 7.10 4.06 -11.78
C TYR B 105 7.33 3.70 -13.24
N TYR B 106 6.45 4.10 -14.13
CA TYR B 106 6.52 3.76 -15.54
C TYR B 106 6.49 5.03 -16.36
N THR B 107 6.81 4.89 -17.64
CA THR B 107 6.90 6.02 -18.56
C THR B 107 5.78 6.04 -19.59
N HIS B 108 5.27 4.89 -20.01
CA HIS B 108 4.20 4.81 -21.00
C HIS B 108 2.96 4.17 -20.39
N TRP B 109 1.80 4.64 -20.84
CA TRP B 109 0.54 4.10 -20.37
C TRP B 109 -0.50 4.12 -21.48
N SER B 110 -1.46 3.19 -21.38
CA SER B 110 -2.55 3.05 -22.32
C SER B 110 -3.77 2.49 -21.58
N GLY B 111 -4.96 2.74 -22.12
CA GLY B 111 -6.19 2.18 -21.62
C GLY B 111 -7.04 3.16 -20.82
N SER B 112 -8.24 2.70 -20.50
CA SER B 112 -9.33 3.50 -19.96
C SER B 112 -9.20 3.74 -18.46
N LEU B 113 -9.70 4.89 -18.02
CA LEU B 113 -9.84 5.22 -16.60
C LEU B 113 -11.31 5.34 -16.23
N GLU B 114 -11.66 4.92 -15.02
CA GLU B 114 -12.98 5.15 -14.44
C GLU B 114 -12.90 6.22 -13.35
N MET B 115 -13.78 7.21 -13.40
CA MET B 115 -14.06 8.09 -12.28
C MET B 115 -15.42 7.79 -11.69
N THR B 116 -15.46 7.56 -10.38
CA THR B 116 -16.71 7.37 -9.64
C THR B 116 -16.85 8.52 -8.64
N PHE B 117 -18.06 9.05 -8.52
CA PHE B 117 -18.38 10.07 -7.54
C PHE B 117 -19.48 9.57 -6.60
N MET B 118 -19.25 9.69 -5.31
CA MET B 118 -20.23 9.35 -4.27
C MET B 118 -20.80 10.66 -3.69
N PHE B 119 -22.11 10.79 -3.73
CA PHE B 119 -22.81 11.92 -3.11
C PHE B 119 -23.07 11.65 -1.63
N CYS B 120 -22.57 12.55 -0.78
CA CYS B 120 -22.62 12.38 0.66
C CYS B 120 -23.46 13.46 1.35
N GLY B 121 -24.49 13.98 0.68
CA GLY B 121 -25.51 14.78 1.33
C GLY B 121 -26.48 13.94 2.15
N SER B 122 -27.50 14.61 2.67
CA SER B 122 -28.53 13.90 3.41
C SER B 122 -29.43 13.11 2.46
N PHE B 123 -30.23 12.21 3.04
CA PHE B 123 -31.24 11.47 2.28
C PHE B 123 -32.21 12.40 1.58
N MET B 124 -32.53 13.52 2.21
CA MET B 124 -33.46 14.51 1.67
C MET B 124 -32.87 15.40 0.56
N ALA B 125 -31.55 15.45 0.40
CA ALA B 125 -30.94 16.18 -0.70
C ALA B 125 -31.21 15.54 -2.06
N ALA B 126 -31.57 16.36 -3.04
CA ALA B 126 -31.82 15.91 -4.41
C ALA B 126 -30.96 16.70 -5.38
N GLY B 127 -30.74 16.15 -6.57
CA GLY B 127 -30.07 16.89 -7.62
C GLY B 127 -29.56 16.12 -8.82
N LYS B 128 -29.33 16.82 -9.93
CA LYS B 128 -28.71 16.23 -11.11
C LYS B 128 -27.48 17.01 -11.54
N LEU B 129 -26.40 16.29 -11.82
CA LEU B 129 -25.12 16.82 -12.30
C LEU B 129 -24.86 16.27 -13.69
N ILE B 130 -24.05 16.97 -14.47
CA ILE B 130 -23.49 16.40 -15.69
C ILE B 130 -21.96 16.39 -15.57
N LEU B 131 -21.37 15.21 -15.79
CA LEU B 131 -19.92 14.98 -15.76
C LEU B 131 -19.43 14.74 -17.17
N CYS B 132 -18.48 15.55 -17.62
CA CYS B 132 -18.06 15.59 -19.02
C CYS B 132 -16.57 15.32 -19.17
N TYR B 133 -16.22 14.42 -20.08
CA TYR B 133 -14.85 14.25 -20.54
C TYR B 133 -14.66 14.91 -21.91
N THR B 134 -13.64 15.75 -22.02
CA THR B 134 -13.30 16.41 -23.28
C THR B 134 -12.00 15.85 -23.80
N PRO B 135 -12.00 15.15 -24.94
CA PRO B 135 -10.74 14.79 -25.58
C PRO B 135 -9.90 16.02 -25.85
N PRO B 136 -8.57 15.87 -25.90
CA PRO B 136 -7.69 17.04 -26.00
C PRO B 136 -7.80 17.76 -27.34
N GLY B 137 -7.23 18.95 -27.38
CA GLY B 137 -7.04 19.71 -28.60
C GLY B 137 -7.34 21.19 -28.45
N GLY B 138 -8.25 21.53 -27.54
CA GLY B 138 -8.54 22.90 -27.19
C GLY B 138 -8.48 23.19 -25.70
N SER B 139 -8.99 24.35 -25.29
CA SER B 139 -9.07 24.73 -23.89
C SER B 139 -10.15 23.93 -23.14
N CYS B 140 -9.99 23.87 -21.83
CA CYS B 140 -10.99 23.26 -20.97
C CYS B 140 -12.32 24.01 -21.05
N PRO B 141 -13.44 23.31 -21.27
CA PRO B 141 -14.72 24.00 -21.42
C PRO B 141 -15.23 24.62 -20.13
N THR B 142 -15.73 25.85 -20.27
CA THR B 142 -16.22 26.64 -19.15
C THR B 142 -17.74 26.78 -19.11
N THR B 143 -18.46 26.33 -20.13
CA THR B 143 -19.90 26.43 -20.16
C THR B 143 -20.46 25.04 -20.42
N ARG B 144 -21.62 24.76 -19.82
CA ARG B 144 -22.23 23.44 -19.97
C ARG B 144 -22.57 23.12 -21.44
N GLU B 145 -23.00 24.12 -22.21
CA GLU B 145 -23.33 23.88 -23.61
C GLU B 145 -22.12 23.48 -24.46
N THR B 146 -20.91 23.87 -24.05
CA THR B 146 -19.69 23.40 -24.70
C THR B 146 -19.27 22.02 -24.20
N ALA B 147 -19.31 21.81 -22.87
CA ALA B 147 -18.89 20.54 -22.28
C ALA B 147 -19.80 19.39 -22.68
N MET B 148 -21.10 19.66 -22.81
CA MET B 148 -22.11 18.71 -23.26
C MET B 148 -21.74 18.01 -24.57
N LEU B 149 -20.89 18.61 -25.41
CA LEU B 149 -20.49 18.01 -26.68
C LEU B 149 -19.46 16.88 -26.57
N GLY B 150 -18.74 16.78 -25.46
CA GLY B 150 -17.93 15.60 -25.16
C GLY B 150 -18.70 14.44 -24.54
N THR B 151 -17.95 13.38 -24.28
CA THR B 151 -18.41 12.24 -23.48
C THR B 151 -18.91 12.66 -22.11
N HIS B 152 -20.16 12.36 -21.78
CA HIS B 152 -20.70 12.77 -20.50
C HIS B 152 -21.73 11.76 -19.99
N ILE B 153 -21.86 11.71 -18.66
CA ILE B 153 -22.94 11.06 -17.94
C ILE B 153 -23.75 12.13 -17.22
N VAL B 154 -25.07 12.10 -17.37
CA VAL B 154 -25.99 12.86 -16.51
C VAL B 154 -26.34 12.01 -15.30
N TRP B 155 -26.11 12.56 -14.11
CA TRP B 155 -26.20 11.85 -12.84
C TRP B 155 -27.38 12.38 -12.02
N ASP B 156 -28.35 11.51 -11.76
CA ASP B 156 -29.43 11.80 -10.82
C ASP B 156 -29.09 11.19 -9.45
N PHE B 157 -29.15 12.00 -8.39
CA PHE B 157 -29.02 11.47 -7.04
C PHE B 157 -30.21 10.59 -6.67
N GLY B 158 -29.93 9.52 -5.95
CA GLY B 158 -30.96 8.58 -5.59
C GLY B 158 -30.44 7.55 -4.63
N LEU B 159 -31.10 6.40 -4.63
CA LEU B 159 -30.74 5.35 -3.68
C LEU B 159 -29.35 4.78 -3.96
N GLN B 160 -28.99 4.58 -5.23
CA GLN B 160 -27.61 4.31 -5.59
C GLN B 160 -26.79 5.58 -5.48
N SER B 161 -25.74 5.54 -4.65
CA SER B 161 -25.00 6.74 -4.27
C SER B 161 -24.00 7.23 -5.32
N SER B 162 -23.61 6.41 -6.30
CA SER B 162 -22.43 6.71 -7.09
C SER B 162 -22.69 6.51 -8.58
N VAL B 163 -22.10 7.38 -9.41
CA VAL B 163 -21.97 7.15 -10.86
C VAL B 163 -20.51 7.05 -11.24
N THR B 164 -20.28 6.30 -12.30
CA THR B 164 -19.02 6.29 -13.03
C THR B 164 -19.13 7.06 -14.34
N LEU B 165 -18.22 8.01 -14.54
CA LEU B 165 -17.80 8.45 -15.88
C LEU B 165 -16.65 7.57 -16.36
N ILE B 166 -16.87 6.77 -17.39
CA ILE B 166 -15.74 6.16 -18.08
C ILE B 166 -15.00 7.22 -18.89
N ILE B 167 -13.69 7.29 -18.68
CA ILE B 167 -12.81 8.01 -19.59
C ILE B 167 -12.26 7.01 -20.60
N PRO B 168 -12.84 6.91 -21.78
CA PRO B 168 -12.35 5.94 -22.77
C PRO B 168 -10.95 6.30 -23.27
N TRP B 169 -10.18 5.28 -23.59
CA TRP B 169 -8.87 5.47 -24.22
C TRP B 169 -9.03 5.95 -25.65
N ILE B 170 -9.03 7.26 -25.84
CA ILE B 170 -9.11 7.89 -27.16
C ILE B 170 -7.74 8.50 -27.44
N SER B 171 -6.96 7.83 -28.27
CA SER B 171 -5.60 8.27 -28.50
C SER B 171 -5.17 7.94 -29.92
N GLY B 172 -4.37 8.83 -30.50
CA GLY B 172 -3.79 8.53 -31.80
C GLY B 172 -2.78 7.40 -31.74
N SER B 173 -1.87 7.47 -30.79
CA SER B 173 -0.85 6.46 -30.53
C SER B 173 -1.35 5.37 -29.59
N HIS B 174 -0.67 4.22 -29.67
CA HIS B 174 -0.86 3.11 -28.75
C HIS B 174 -0.66 3.48 -27.28
N TYR B 175 0.21 4.45 -26.99
CA TYR B 175 0.52 4.86 -25.63
C TYR B 175 0.59 6.36 -25.53
N ARG B 176 0.52 6.84 -24.30
CA ARG B 176 0.89 8.20 -23.93
C ARG B 176 2.12 8.16 -23.03
N MET B 177 2.84 9.27 -23.00
CA MET B 177 4.01 9.43 -22.15
C MET B 177 3.67 10.26 -20.91
N PHE B 178 4.21 9.85 -19.76
CA PHE B 178 4.24 10.70 -18.55
C PHE B 178 5.30 11.79 -18.73
N ASN B 179 4.91 12.80 -19.49
CA ASN B 179 5.78 13.85 -19.96
C ASN B 179 5.57 15.10 -19.12
N ASN B 180 6.67 15.68 -18.62
CA ASN B 180 6.59 16.95 -17.90
C ASN B 180 6.08 18.09 -18.77
N ASP B 181 6.24 18.00 -20.07
CA ASP B 181 5.51 18.85 -21.00
C ASP B 181 4.05 18.41 -21.03
N ALA B 182 3.20 19.10 -20.28
CA ALA B 182 1.79 18.76 -20.22
C ALA B 182 1.03 19.07 -21.52
N LYS B 183 1.52 19.99 -22.33
CA LYS B 183 0.85 20.38 -23.56
C LYS B 183 1.30 19.54 -24.75
N SER B 184 2.24 18.64 -24.55
CA SER B 184 2.66 17.69 -25.58
C SER B 184 1.49 16.86 -26.09
N THR B 185 1.40 16.74 -27.42
CA THR B 185 0.41 15.88 -28.08
C THR B 185 0.60 14.39 -27.82
N ASN B 186 1.72 13.96 -27.27
CA ASN B 186 1.89 12.58 -26.83
C ASN B 186 1.52 12.37 -25.36
N ALA B 187 1.01 13.36 -24.69
CA ALA B 187 0.81 13.26 -23.25
C ALA B 187 -0.55 13.76 -22.79
N ASN B 188 -1.05 14.83 -23.38
CA ASN B 188 -2.28 15.47 -22.91
C ASN B 188 -3.50 14.56 -23.11
N VAL B 189 -4.32 14.45 -22.06
CA VAL B 189 -5.49 13.57 -22.09
C VAL B 189 -6.80 14.33 -22.34
N GLY B 190 -6.81 15.64 -22.20
CA GLY B 190 -8.03 16.43 -22.10
C GLY B 190 -8.51 16.71 -20.69
N TYR B 191 -9.82 16.88 -20.51
CA TYR B 191 -10.35 17.44 -19.26
C TYR B 191 -11.56 16.68 -18.76
N VAL B 192 -11.77 16.75 -17.45
CA VAL B 192 -13.06 16.45 -16.83
C VAL B 192 -13.63 17.72 -16.21
N THR B 193 -14.93 17.95 -16.41
CA THR B 193 -15.66 19.08 -15.85
C THR B 193 -17.00 18.61 -15.30
N CYS B 194 -17.46 19.27 -14.24
CA CYS B 194 -18.76 18.99 -13.65
C CYS B 194 -19.62 20.25 -13.67
N PHE B 195 -20.83 20.14 -14.18
CA PHE B 195 -21.78 21.23 -14.14
C PHE B 195 -23.03 20.77 -13.40
N MET B 196 -23.77 21.74 -12.90
CA MET B 196 -25.15 21.50 -12.52
C MET B 196 -25.98 21.15 -13.74
N GLN B 197 -26.61 19.98 -13.71
CA GLN B 197 -27.66 19.71 -14.67
C GLN B 197 -28.98 20.36 -14.26
N THR B 198 -29.43 20.19 -13.01
CA THR B 198 -30.56 20.95 -12.45
C THR B 198 -30.06 21.81 -11.31
N ASN B 199 -30.32 21.46 -10.06
CA ASN B 199 -29.79 22.16 -8.90
C ASN B 199 -29.68 21.15 -7.76
N LEU B 200 -28.84 21.47 -6.78
CA LEU B 200 -28.95 20.85 -5.46
C LEU B 200 -30.14 21.45 -4.72
N ILE B 201 -31.14 20.64 -4.41
CA ILE B 201 -32.33 21.12 -3.73
C ILE B 201 -32.48 20.39 -2.39
N VAL B 202 -32.50 21.15 -1.30
CA VAL B 202 -32.55 20.56 0.04
C VAL B 202 -33.64 21.23 0.87
N PRO B 203 -34.25 20.52 1.81
CA PRO B 203 -35.13 21.15 2.80
C PRO B 203 -34.36 21.87 3.90
N SER B 204 -35.11 22.67 4.67
CA SER B 204 -34.54 23.56 5.68
C SER B 204 -33.72 22.84 6.75
N GLU B 205 -34.07 21.61 7.08
CA GLU B 205 -33.40 20.88 8.14
C GLU B 205 -32.26 20.00 7.64
N SER B 206 -32.08 19.86 6.34
CA SER B 206 -30.83 19.35 5.84
C SER B 206 -29.78 20.45 5.75
N SER B 207 -28.53 20.07 5.91
CA SER B 207 -27.42 20.95 5.62
C SER B 207 -27.53 21.49 4.19
N ASP B 208 -27.32 22.80 4.04
CA ASP B 208 -27.40 23.48 2.74
C ASP B 208 -26.21 23.18 1.83
N THR B 209 -25.13 22.61 2.34
CA THR B 209 -23.95 22.28 1.54
C THR B 209 -23.66 20.79 1.69
N CYS B 210 -23.39 20.14 0.56
CA CYS B 210 -23.21 18.70 0.49
C CYS B 210 -21.89 18.40 -0.22
N SER B 211 -21.33 17.21 0.03
CA SER B 211 -20.02 16.84 -0.49
C SER B 211 -20.06 15.71 -1.50
N LEU B 212 -19.23 15.81 -2.52
CA LEU B 212 -18.81 14.72 -3.38
C LEU B 212 -17.44 14.19 -2.98
N ILE B 213 -17.29 12.88 -2.94
CA ILE B 213 -15.97 12.24 -3.01
C ILE B 213 -15.77 11.67 -4.40
N GLY B 214 -14.65 12.01 -5.03
CA GLY B 214 -14.26 11.45 -6.32
C GLY B 214 -13.17 10.40 -6.21
N PHE B 215 -13.34 9.33 -6.97
CA PHE B 215 -12.38 8.22 -7.04
C PHE B 215 -11.96 8.01 -8.49
N ILE B 216 -10.78 7.41 -8.68
CA ILE B 216 -10.34 6.97 -10.00
C ILE B 216 -9.76 5.54 -9.90
N ALA B 217 -9.90 4.76 -10.98
CA ALA B 217 -9.16 3.52 -11.15
C ALA B 217 -8.85 3.32 -12.64
N ALA B 218 -7.87 2.47 -12.91
CA ALA B 218 -7.73 1.86 -14.24
C ALA B 218 -8.76 0.74 -14.45
N LYS B 219 -9.19 0.59 -15.70
CA LYS B 219 -9.93 -0.59 -16.14
C LYS B 219 -8.93 -1.70 -16.51
N ASP B 220 -9.44 -2.87 -16.87
CA ASP B 220 -8.55 -3.98 -17.20
C ASP B 220 -8.03 -3.97 -18.64
N ASP B 221 -8.33 -2.95 -19.43
CA ASP B 221 -7.63 -2.65 -20.67
C ASP B 221 -6.35 -1.84 -20.46
N PHE B 222 -6.01 -1.50 -19.22
CA PHE B 222 -4.90 -0.61 -18.88
C PHE B 222 -3.55 -1.34 -18.86
N SER B 223 -2.52 -0.66 -19.33
CA SER B 223 -1.19 -1.25 -19.49
C SER B 223 -0.12 -0.18 -19.22
N LEU B 224 1.01 -0.60 -18.65
CA LEU B 224 2.12 0.28 -18.31
C LEU B 224 3.43 -0.22 -18.89
N ARG B 225 4.31 0.70 -19.24
CA ARG B 225 5.53 0.36 -19.94
C ARG B 225 6.68 1.25 -19.49
N LEU B 226 7.91 0.75 -19.67
CA LEU B 226 9.19 1.42 -19.48
C LEU B 226 9.37 1.93 -18.04
N MET B 227 9.76 1.00 -17.18
CA MET B 227 9.98 1.25 -15.75
C MET B 227 11.06 2.30 -15.48
N ARG B 228 10.80 3.14 -14.48
CA ARG B 228 11.64 4.27 -14.11
C ARG B 228 11.59 4.45 -12.61
N ASP B 229 12.60 5.14 -12.07
CA ASP B 229 12.53 5.59 -10.69
C ASP B 229 11.43 6.64 -10.51
N SER B 230 10.63 6.46 -9.48
CA SER B 230 9.49 7.33 -9.27
C SER B 230 9.95 8.70 -8.76
N PRO B 231 9.41 9.78 -9.29
CA PRO B 231 9.74 11.12 -8.78
C PRO B 231 9.10 11.47 -7.44
N ASP B 232 8.23 10.62 -6.89
CA ASP B 232 7.54 10.83 -5.63
C ASP B 232 8.38 10.60 -4.36
N ILE B 233 9.64 10.18 -4.45
CA ILE B 233 10.43 9.97 -3.26
C ILE B 233 11.88 10.32 -3.56
N GLY B 234 12.59 10.76 -2.54
CA GLY B 234 13.99 11.13 -2.65
C GLY B 234 14.55 11.44 -1.29
N GLN B 235 15.87 11.50 -1.21
CA GLN B 235 16.56 11.90 0.01
C GLN B 235 17.77 12.74 -0.33
N LEU B 236 18.03 13.73 0.51
CA LEU B 236 19.24 14.54 0.40
C LEU B 236 20.28 14.19 1.45
N ASP B 237 19.90 13.41 2.45
CA ASP B 237 20.72 13.14 3.62
C ASP B 237 20.60 11.66 3.94
N HIS B 238 21.50 11.16 4.77
CA HIS B 238 21.25 9.89 5.44
C HIS B 238 20.02 10.02 6.35
N LEU B 239 19.23 8.96 6.39
CA LEU B 239 18.18 8.87 7.39
C LEU B 239 18.79 8.75 8.77
N HIS B 240 18.03 9.16 9.76
CA HIS B 240 18.36 8.92 11.15
C HIS B 240 18.54 7.42 11.43
N ALA B 241 19.49 7.11 12.31
CA ALA B 241 19.90 5.76 12.68
C ALA B 241 20.54 4.94 11.55
N ALA B 242 20.68 5.50 10.36
CA ALA B 242 21.37 4.80 9.29
C ALA B 242 22.86 4.60 9.60
N GLU B 243 23.51 5.64 10.11
CA GLU B 243 24.89 5.53 10.59
C GLU B 243 25.04 4.50 11.70
N ALA B 244 24.10 4.48 12.65
CA ALA B 244 24.13 3.54 13.75
C ALA B 244 24.06 2.08 13.30
N ALA B 245 23.67 1.82 12.07
CA ALA B 245 23.75 0.47 11.54
C ALA B 245 25.19 0.00 11.34
N TYR B 246 26.13 0.92 11.24
CA TYR B 246 27.54 0.58 11.16
C TYR B 246 28.23 0.55 12.51
N GLN B 247 27.64 1.14 13.53
CA GLN B 247 28.24 1.16 14.85
C GLN B 247 27.83 -0.05 15.68
N SER C 10 -32.53 -6.61 -0.55
CA SER C 10 -32.15 -7.99 -0.28
C SER C 10 -30.73 -8.06 0.26
N ASP C 11 -29.82 -7.24 -0.26
CA ASP C 11 -28.51 -7.07 0.36
C ASP C 11 -28.46 -5.87 1.30
N ARG C 12 -29.62 -5.32 1.69
CA ARG C 12 -29.66 -4.31 2.74
C ARG C 12 -30.00 -4.85 4.13
N VAL C 13 -30.61 -6.02 4.25
CA VAL C 13 -30.90 -6.61 5.55
C VAL C 13 -29.98 -7.81 5.80
N LEU C 14 -29.39 -7.85 6.98
CA LEU C 14 -28.42 -8.86 7.34
C LEU C 14 -28.60 -9.23 8.81
N GLN C 15 -28.61 -10.51 9.10
CA GLN C 15 -28.49 -11.04 10.45
C GLN C 15 -27.18 -11.83 10.58
N LEU C 16 -26.39 -11.48 11.58
CA LEU C 16 -25.18 -12.21 11.95
C LEU C 16 -25.44 -12.92 13.26
N LYS C 17 -25.24 -14.23 13.29
CA LYS C 17 -25.39 -15.00 14.52
C LYS C 17 -24.14 -15.81 14.80
N LEU C 18 -23.59 -15.64 16.00
CA LEU C 18 -22.40 -16.37 16.42
C LEU C 18 -22.48 -16.66 17.91
N GLY C 19 -22.46 -17.94 18.26
CA GLY C 19 -22.66 -18.34 19.64
C GLY C 19 -24.01 -17.92 20.17
N ASN C 20 -24.01 -17.28 21.34
CA ASN C 20 -25.20 -16.76 22.00
C ASN C 20 -25.57 -15.32 21.59
N SER C 21 -24.95 -14.76 20.57
CA SER C 21 -25.12 -13.36 20.18
C SER C 21 -25.67 -13.26 18.76
N ALA C 22 -26.55 -12.30 18.52
CA ALA C 22 -27.03 -12.02 17.17
C ALA C 22 -27.10 -10.51 16.93
N ILE C 23 -26.80 -10.11 15.70
CA ILE C 23 -26.97 -8.73 15.25
C ILE C 23 -27.87 -8.74 14.01
N VAL C 24 -28.90 -7.91 14.01
CA VAL C 24 -29.67 -7.60 12.82
C VAL C 24 -29.42 -6.16 12.41
N THR C 25 -29.33 -5.93 11.09
CA THR C 25 -29.28 -4.60 10.50
C THR C 25 -30.27 -4.55 9.33
N GLN C 26 -30.93 -3.42 9.17
CA GLN C 26 -31.88 -3.22 8.09
C GLN C 26 -31.36 -2.28 7.00
N GLU C 27 -30.16 -1.70 7.17
CA GLU C 27 -29.53 -0.83 6.17
C GLU C 27 -28.03 -1.14 6.09
N ALA C 28 -27.71 -2.35 5.64
CA ALA C 28 -26.37 -2.71 5.23
C ALA C 28 -26.08 -2.31 3.77
N ALA C 29 -24.84 -2.51 3.35
CA ALA C 29 -24.40 -2.39 1.96
C ALA C 29 -23.51 -3.59 1.61
N ASN C 30 -24.13 -4.74 1.38
CA ASN C 30 -23.45 -6.02 1.25
C ASN C 30 -22.58 -6.27 2.49
N TYR C 31 -21.57 -7.13 2.39
CA TYR C 31 -20.48 -7.08 3.35
C TYR C 31 -19.18 -7.55 2.71
N CYS C 32 -18.07 -7.06 3.27
CA CYS C 32 -16.73 -7.39 2.82
C CYS C 32 -16.20 -8.67 3.46
N CYS C 33 -15.76 -9.61 2.62
CA CYS C 33 -14.87 -10.68 3.03
C CYS C 33 -13.45 -10.33 2.58
N ALA C 34 -12.58 -9.95 3.52
CA ALA C 34 -11.25 -9.45 3.19
C ALA C 34 -10.47 -10.41 2.29
N TYR C 35 -10.00 -9.88 1.16
CA TYR C 35 -9.27 -10.62 0.13
C TYR C 35 -10.02 -11.83 -0.39
N GLY C 36 -11.35 -11.82 -0.29
CA GLY C 36 -12.18 -12.97 -0.60
C GLY C 36 -12.03 -14.18 0.29
N GLU C 37 -11.42 -14.05 1.45
CA GLU C 37 -11.17 -15.17 2.34
C GLU C 37 -12.27 -15.31 3.38
N TRP C 38 -12.36 -16.50 3.95
CA TRP C 38 -13.14 -16.77 5.13
C TRP C 38 -12.21 -17.31 6.22
N PRO C 39 -12.47 -17.01 7.49
CA PRO C 39 -11.77 -17.70 8.58
C PRO C 39 -11.91 -19.23 8.55
N ASN C 40 -10.82 -19.91 8.87
CA ASN C 40 -10.76 -21.36 9.07
C ASN C 40 -9.76 -21.67 10.16
N TYR C 41 -9.91 -22.84 10.77
CA TYR C 41 -8.88 -23.39 11.64
C TYR C 41 -7.60 -23.78 10.89
N LEU C 42 -6.51 -23.77 11.64
CA LEU C 42 -5.20 -24.12 11.12
C LEU C 42 -5.15 -25.59 10.68
N PRO C 43 -4.89 -25.90 9.42
CA PRO C 43 -4.76 -27.30 8.99
C PRO C 43 -3.44 -27.93 9.44
N ASP C 44 -3.43 -29.26 9.45
CA ASP C 44 -2.26 -30.01 9.92
C ASP C 44 -1.02 -29.77 9.05
N HIS C 45 -1.20 -29.56 7.75
CA HIS C 45 -0.07 -29.29 6.87
C HIS C 45 0.50 -27.88 7.06
N GLU C 46 -0.09 -27.04 7.88
CA GLU C 46 0.49 -25.74 8.21
C GLU C 46 0.85 -25.60 9.68
N ALA C 47 0.69 -26.64 10.49
CA ALA C 47 0.91 -26.55 11.93
C ALA C 47 2.39 -26.52 12.32
N VAL C 48 2.67 -25.87 13.43
CA VAL C 48 4.02 -25.75 13.95
C VAL C 48 4.05 -26.36 15.34
N ALA C 49 3.31 -25.75 16.26
CA ALA C 49 3.24 -26.21 17.63
C ALA C 49 2.49 -27.54 17.73
N ILE C 50 3.08 -28.50 18.44
CA ILE C 50 2.60 -29.87 18.41
C ILE C 50 1.60 -30.24 19.50
N ASP C 51 1.46 -29.42 20.55
CA ASP C 51 0.42 -29.71 21.53
C ASP C 51 -0.97 -29.56 20.91
N LYS C 52 -1.90 -30.36 21.40
CA LYS C 52 -3.28 -30.29 20.98
C LYS C 52 -3.88 -28.93 21.36
N PRO C 53 -4.40 -28.16 20.40
CA PRO C 53 -5.03 -26.87 20.73
C PRO C 53 -6.37 -27.02 21.42
N THR C 54 -6.67 -26.05 22.28
CA THR C 54 -8.04 -25.80 22.70
C THR C 54 -8.79 -24.95 21.66
N GLN C 55 -10.00 -25.38 21.31
CA GLN C 55 -10.88 -24.67 20.39
C GLN C 55 -12.18 -24.38 21.12
N PRO C 56 -12.29 -23.24 21.80
CA PRO C 56 -13.44 -23.01 22.70
C PRO C 56 -14.78 -22.77 21.99
N GLU C 57 -14.78 -22.56 20.68
CA GLU C 57 -15.98 -22.32 19.86
C GLU C 57 -16.85 -21.19 20.37
N THR C 58 -18.10 -21.50 20.75
CA THR C 58 -19.06 -20.46 21.14
C THR C 58 -18.68 -19.66 22.37
N ALA C 59 -17.80 -20.18 23.24
CA ALA C 59 -17.32 -19.37 24.36
C ALA C 59 -16.52 -18.15 23.91
N THR C 60 -15.79 -18.26 22.80
CA THR C 60 -14.98 -17.17 22.29
C THR C 60 -15.51 -16.57 20.98
N ASP C 61 -16.21 -17.35 20.17
CA ASP C 61 -16.61 -16.96 18.82
C ASP C 61 -18.00 -16.33 18.84
N ARG C 62 -18.01 -15.09 19.32
CA ARG C 62 -19.22 -14.36 19.67
C ARG C 62 -18.88 -12.88 19.59
N PHE C 63 -19.90 -12.05 19.41
CA PHE C 63 -19.70 -10.61 19.37
C PHE C 63 -19.41 -10.04 20.75
N TYR C 64 -18.37 -9.23 20.83
CA TYR C 64 -18.10 -8.34 21.94
C TYR C 64 -18.32 -6.90 21.47
N THR C 65 -19.08 -6.14 22.22
CA THR C 65 -19.37 -4.76 21.91
C THR C 65 -18.50 -3.85 22.76
N LEU C 66 -17.68 -3.02 22.12
CA LEU C 66 -16.81 -2.05 22.77
C LEU C 66 -17.59 -0.81 23.20
N LYS C 67 -16.97 0.01 24.03
CA LYS C 67 -17.50 1.33 24.34
C LYS C 67 -17.70 2.18 23.08
N SER C 68 -18.89 2.75 22.93
CA SER C 68 -19.21 3.67 21.83
C SER C 68 -18.47 5.00 21.93
N VAL C 69 -18.06 5.54 20.77
CA VAL C 69 -17.43 6.85 20.65
C VAL C 69 -18.41 7.83 20.00
N LYS C 70 -18.37 9.09 20.45
CA LYS C 70 -19.16 10.17 19.87
C LYS C 70 -18.53 10.72 18.60
N TRP C 71 -19.27 10.67 17.50
CA TRP C 71 -18.93 11.40 16.28
C TRP C 71 -19.32 12.87 16.44
N GLU C 72 -18.32 13.75 16.41
CA GLU C 72 -18.48 15.18 16.63
C GLU C 72 -17.81 15.92 15.46
N THR C 73 -18.14 17.20 15.33
CA THR C 73 -17.70 17.96 14.15
C THR C 73 -16.19 18.01 14.03
N GLY C 74 -15.47 18.01 15.14
CA GLY C 74 -14.02 18.02 15.13
C GLY C 74 -13.33 16.67 15.05
N SER C 75 -14.07 15.57 14.92
CA SER C 75 -13.51 14.23 15.02
C SER C 75 -12.52 13.89 13.92
N THR C 76 -11.35 13.39 14.30
CA THR C 76 -10.35 12.92 13.35
C THR C 76 -10.44 11.44 13.03
N GLY C 77 -11.26 10.67 13.73
CA GLY C 77 -11.31 9.23 13.57
C GLY C 77 -10.70 8.47 14.73
N TRP C 78 -10.97 7.17 14.72
CA TRP C 78 -10.73 6.25 15.82
C TRP C 78 -10.07 4.99 15.28
N TRP C 79 -9.33 4.30 16.15
CA TRP C 79 -8.76 3.01 15.77
C TRP C 79 -8.73 2.05 16.96
N TRP C 80 -8.81 0.75 16.65
CA TRP C 80 -8.71 -0.32 17.62
C TRP C 80 -7.85 -1.43 17.05
N LYS C 81 -6.97 -1.99 17.88
CA LYS C 81 -6.04 -3.01 17.42
C LYS C 81 -6.48 -4.39 17.89
N LEU C 82 -6.37 -5.38 17.01
CA LEU C 82 -6.76 -6.75 17.27
C LEU C 82 -5.56 -7.66 17.23
N PRO C 83 -5.38 -8.52 18.25
CA PRO C 83 -6.34 -8.85 19.31
C PRO C 83 -6.41 -7.92 20.53
N ASP C 84 -5.55 -6.91 20.62
CA ASP C 84 -5.36 -6.12 21.83
C ASP C 84 -6.66 -5.59 22.44
N ALA C 85 -7.56 -5.02 21.62
CA ALA C 85 -8.83 -4.50 22.12
C ALA C 85 -9.68 -5.56 22.82
N LEU C 86 -9.56 -6.84 22.44
CA LEU C 86 -10.32 -7.91 23.09
C LEU C 86 -9.54 -8.72 24.12
N ASN C 87 -8.22 -8.48 24.29
CA ASN C 87 -7.40 -9.35 25.14
C ASN C 87 -7.85 -9.43 26.60
N ASN C 88 -8.67 -8.50 27.08
CA ASN C 88 -9.17 -8.55 28.45
C ASN C 88 -10.69 -8.78 28.56
N ILE C 89 -11.34 -9.27 27.50
CA ILE C 89 -12.80 -9.39 27.46
C ILE C 89 -13.23 -10.84 27.41
N GLY C 90 -14.05 -11.23 28.38
CA GLY C 90 -14.76 -12.51 28.46
C GLY C 90 -13.85 -13.72 28.46
N MET C 91 -14.38 -14.83 27.95
CA MET C 91 -13.58 -16.05 27.81
C MET C 91 -12.54 -15.96 26.71
N PHE C 92 -12.69 -15.04 25.75
CA PHE C 92 -11.59 -14.79 24.82
C PHE C 92 -10.36 -14.28 25.56
N GLY C 93 -10.54 -13.27 26.41
CA GLY C 93 -9.45 -12.74 27.19
C GLY C 93 -8.77 -13.73 28.12
N GLN C 94 -9.56 -14.56 28.81
CA GLN C 94 -8.99 -15.59 29.66
C GLN C 94 -8.14 -16.60 28.90
N ASN C 95 -8.56 -17.03 27.72
CA ASN C 95 -7.71 -17.91 26.94
C ASN C 95 -6.44 -17.21 26.45
N VAL C 96 -6.54 -15.95 26.04
CA VAL C 96 -5.38 -15.11 25.73
C VAL C 96 -4.38 -15.07 26.88
N GLN C 97 -4.88 -14.91 28.11
CA GLN C 97 -4.00 -14.76 29.25
C GLN C 97 -3.35 -16.06 29.68
N HIS C 98 -4.03 -17.18 29.49
CA HIS C 98 -3.49 -18.48 29.87
C HIS C 98 -2.67 -19.16 28.77
N HIS C 99 -2.73 -18.73 27.52
CA HIS C 99 -1.99 -19.41 26.47
C HIS C 99 -0.91 -18.53 25.86
N TYR C 100 0.23 -19.15 25.58
CA TYR C 100 1.29 -18.51 24.83
C TYR C 100 0.86 -18.16 23.40
N LEU C 101 0.19 -19.08 22.71
CA LEU C 101 -0.16 -18.88 21.32
C LEU C 101 -1.66 -18.77 21.08
N TYR C 102 -2.00 -17.93 20.11
CA TYR C 102 -3.35 -17.63 19.69
C TYR C 102 -3.46 -17.59 18.16
N ARG C 103 -4.63 -17.97 17.64
CA ARG C 103 -4.99 -17.74 16.25
C ARG C 103 -6.50 -17.54 16.14
N SER C 104 -6.94 -16.54 15.37
CA SER C 104 -8.35 -16.44 15.00
C SER C 104 -8.53 -15.44 13.85
N GLY C 105 -9.67 -15.57 13.16
CA GLY C 105 -10.26 -14.47 12.42
C GLY C 105 -11.12 -13.54 13.27
N PHE C 106 -11.70 -12.56 12.59
CA PHE C 106 -12.67 -11.65 13.20
C PHE C 106 -13.83 -11.33 12.28
N LEU C 107 -15.01 -11.19 12.87
CA LEU C 107 -16.14 -10.54 12.24
C LEU C 107 -16.31 -9.16 12.88
N ILE C 108 -16.19 -8.10 12.07
CA ILE C 108 -16.31 -6.73 12.53
C ILE C 108 -17.60 -6.11 12.02
N HIS C 109 -18.44 -5.62 12.93
CA HIS C 109 -19.65 -4.88 12.61
C HIS C 109 -19.62 -3.50 13.23
N VAL C 110 -19.69 -2.46 12.39
CA VAL C 110 -19.62 -1.06 12.80
C VAL C 110 -20.98 -0.41 12.60
N GLN C 111 -21.46 0.32 13.62
CA GLN C 111 -22.84 0.77 13.72
C GLN C 111 -22.94 2.27 13.91
N CYS C 112 -23.67 2.95 13.03
CA CYS C 112 -23.90 4.38 13.19
C CYS C 112 -25.16 4.78 12.43
N ASN C 113 -26.18 5.20 13.16
CA ASN C 113 -27.43 5.67 12.58
C ASN C 113 -27.67 7.14 12.92
N ALA C 114 -28.37 7.84 12.03
CA ALA C 114 -28.74 9.24 12.21
C ALA C 114 -30.02 9.49 11.42
N THR C 115 -30.55 10.70 11.48
CA THR C 115 -31.77 10.97 10.72
C THR C 115 -31.47 11.11 9.23
N LYS C 116 -32.53 11.04 8.45
CA LYS C 116 -32.57 11.39 7.04
C LYS C 116 -32.24 12.86 6.75
N PHE C 117 -32.16 13.71 7.77
CA PHE C 117 -31.67 15.07 7.58
C PHE C 117 -30.20 15.24 7.90
N HIS C 118 -29.56 14.21 8.43
CA HIS C 118 -28.12 14.17 8.64
C HIS C 118 -27.36 13.77 7.38
N GLN C 119 -26.12 14.22 7.30
CA GLN C 119 -25.15 13.79 6.31
C GLN C 119 -23.82 13.46 6.99
N GLY C 120 -23.05 12.63 6.35
CA GLY C 120 -21.72 12.27 6.82
C GLY C 120 -21.33 10.91 6.28
N ALA C 121 -20.04 10.74 6.04
CA ALA C 121 -19.48 9.48 5.54
C ALA C 121 -18.29 9.04 6.38
N LEU C 122 -18.33 7.80 6.85
CA LEU C 122 -17.21 7.15 7.52
C LEU C 122 -16.57 6.14 6.58
N LEU C 123 -15.27 6.26 6.35
CA LEU C 123 -14.48 5.14 5.85
C LEU C 123 -14.20 4.15 6.98
N VAL C 124 -14.68 2.92 6.83
CA VAL C 124 -14.41 1.84 7.77
C VAL C 124 -13.44 0.86 7.12
N VAL C 125 -12.20 0.82 7.60
CA VAL C 125 -11.11 0.09 6.93
C VAL C 125 -10.37 -0.76 7.96
N ALA C 126 -10.09 -2.00 7.59
CA ALA C 126 -9.26 -2.92 8.36
C ALA C 126 -7.83 -2.95 7.79
N ILE C 127 -6.85 -2.48 8.55
CA ILE C 127 -5.48 -2.34 8.07
C ILE C 127 -4.62 -3.47 8.63
N PRO C 128 -4.09 -4.35 7.79
CA PRO C 128 -3.14 -5.36 8.27
C PRO C 128 -1.78 -4.75 8.58
N GLU C 129 -1.17 -5.17 9.69
CA GLU C 129 0.14 -4.68 10.15
C GLU C 129 0.22 -3.17 10.07
N HIS C 130 -0.72 -2.49 10.74
CA HIS C 130 -0.71 -1.04 10.77
C HIS C 130 0.34 -0.51 11.76
N GLN C 131 1.59 -0.59 11.33
CA GLN C 131 2.74 -0.07 12.08
C GLN C 131 2.76 1.46 12.06
N ARG C 132 2.43 2.06 13.20
CA ARG C 132 2.28 3.50 13.34
C ARG C 132 3.62 4.23 13.32
N GLY C 133 3.60 5.47 12.83
CA GLY C 133 4.65 6.43 13.06
C GLY C 133 4.27 7.46 14.09
N ALA C 134 5.28 8.05 14.72
CA ALA C 134 5.11 9.30 15.43
C ALA C 134 5.25 10.50 14.48
N HIS C 135 4.71 11.64 14.90
CA HIS C 135 4.83 12.88 14.14
C HIS C 135 6.01 13.73 14.63
N ASN C 136 6.85 14.16 13.70
CA ASN C 136 7.88 15.19 13.89
C ASN C 136 8.90 14.81 14.98
N THR C 137 9.33 13.55 14.97
CA THR C 137 10.35 13.11 15.91
C THR C 137 11.09 11.92 15.30
N ASN C 138 12.31 11.70 15.76
CA ASN C 138 13.03 10.49 15.41
C ASN C 138 12.68 9.29 16.28
N THR C 139 12.13 9.52 17.47
CA THR C 139 11.84 8.45 18.41
C THR C 139 10.62 7.64 17.97
N SER C 140 10.76 6.32 17.91
CA SER C 140 9.67 5.42 17.57
C SER C 140 8.52 5.49 18.59
N PRO C 141 7.29 5.24 18.16
CA PRO C 141 6.16 5.13 19.10
C PRO C 141 6.42 4.15 20.24
N GLY C 142 6.10 4.58 21.45
CA GLY C 142 6.26 3.73 22.62
C GLY C 142 5.16 2.71 22.81
N PHE C 143 5.36 1.86 23.83
CA PHE C 143 4.39 0.82 24.16
C PHE C 143 3.01 1.40 24.49
N ASP C 144 2.98 2.48 25.29
CA ASP C 144 1.70 3.11 25.64
C ASP C 144 1.08 3.92 24.51
N ASP C 145 1.82 4.27 23.47
CA ASP C 145 1.20 4.86 22.29
C ASP C 145 0.43 3.83 21.48
N ILE C 146 0.90 2.59 21.48
CA ILE C 146 0.37 1.56 20.63
C ILE C 146 -0.72 0.75 21.33
N MET C 147 -0.47 0.35 22.57
CA MET C 147 -1.30 -0.65 23.26
C MET C 147 -2.39 0.06 24.05
N LYS C 148 -3.54 0.26 23.42
CA LYS C 148 -4.64 1.04 23.96
C LYS C 148 -5.73 0.19 24.60
N GLY C 149 -5.77 -1.10 24.31
CA GLY C 149 -6.83 -1.97 24.76
C GLY C 149 -8.19 -1.64 24.18
N GLU C 150 -9.22 -1.88 24.99
CA GLU C 150 -10.60 -1.74 24.55
C GLU C 150 -10.93 -0.31 24.10
N GLU C 151 -10.35 0.70 24.78
CA GLU C 151 -10.69 2.08 24.47
C GLU C 151 -10.28 2.48 23.06
N GLY C 152 -9.21 1.89 22.53
CA GLY C 152 -8.64 2.30 21.26
C GLY C 152 -8.03 3.69 21.31
N GLY C 153 -7.48 4.11 20.16
CA GLY C 153 -6.97 5.44 19.99
C GLY C 153 -7.73 6.31 18.99
N THR C 154 -7.24 7.52 18.88
CA THR C 154 -7.69 8.53 17.94
C THR C 154 -6.57 8.85 16.96
N PHE C 155 -6.92 9.14 15.72
CA PHE C 155 -5.93 9.52 14.72
C PHE C 155 -5.35 10.91 14.98
N ASN C 156 -4.02 10.99 14.91
CA ASN C 156 -3.35 12.27 14.98
C ASN C 156 -3.43 13.00 13.65
N HIS C 157 -3.20 12.26 12.57
CA HIS C 157 -3.15 12.83 11.21
C HIS C 157 -3.74 11.81 10.26
N PRO C 158 -5.07 11.66 10.27
CA PRO C 158 -5.70 10.61 9.45
C PRO C 158 -5.39 10.72 7.96
N TYR C 159 -5.13 11.94 7.49
CA TYR C 159 -4.79 12.21 6.10
C TYR C 159 -3.54 11.47 5.63
N VAL C 160 -2.61 11.17 6.52
CA VAL C 160 -1.50 10.29 6.20
C VAL C 160 -1.58 8.97 6.97
N LEU C 161 -2.77 8.64 7.50
CA LEU C 161 -3.01 7.44 8.30
C LEU C 161 -2.10 7.29 9.50
N ASP C 162 -1.57 8.39 10.06
CA ASP C 162 -0.55 8.34 11.11
C ASP C 162 0.66 7.49 10.74
N ASP C 163 0.96 7.31 9.46
CA ASP C 163 2.13 6.52 9.08
C ASP C 163 2.80 7.03 7.81
N GLY C 164 2.75 8.32 7.57
CA GLY C 164 3.42 8.93 6.44
C GLY C 164 2.92 8.49 5.10
N THR C 165 1.70 7.97 5.04
CA THR C 165 1.18 7.33 3.84
C THR C 165 0.00 8.17 3.35
N SER C 166 -1.12 7.61 2.92
CA SER C 166 -2.27 8.46 2.68
C SER C 166 -3.60 7.74 2.90
N LEU C 167 -4.56 8.52 3.39
CA LEU C 167 -5.95 8.10 3.48
C LEU C 167 -6.56 7.78 2.11
N ALA C 168 -6.27 8.60 1.12
CA ALA C 168 -6.85 8.46 -0.20
C ALA C 168 -6.63 7.08 -0.82
N CYS C 169 -5.50 6.46 -0.55
CA CYS C 169 -5.18 5.15 -1.06
C CYS C 169 -5.51 4.00 -0.11
N ALA C 170 -6.07 4.29 1.07
CA ALA C 170 -6.41 3.25 2.04
C ALA C 170 -7.44 2.24 1.54
N THR C 171 -8.21 2.58 0.51
CA THR C 171 -9.15 1.63 -0.09
C THR C 171 -8.48 0.41 -0.73
N ILE C 172 -7.15 0.35 -0.79
CA ILE C 172 -6.46 -0.90 -1.11
C ILE C 172 -6.65 -1.93 -0.01
N PHE C 173 -6.83 -1.49 1.23
CA PHE C 173 -7.17 -2.39 2.32
C PHE C 173 -8.66 -2.74 2.34
N PRO C 174 -9.02 -3.89 2.95
CA PRO C 174 -10.44 -4.25 3.17
C PRO C 174 -11.29 -3.18 3.87
N HIS C 175 -12.40 -2.78 3.25
CA HIS C 175 -13.15 -1.64 3.77
C HIS C 175 -14.59 -1.69 3.29
N GLN C 176 -15.43 -0.93 4.00
CA GLN C 176 -16.72 -0.45 3.51
C GLN C 176 -16.82 1.03 3.85
N TRP C 177 -17.89 1.70 3.41
CA TRP C 177 -18.23 3.02 3.92
C TRP C 177 -19.55 2.97 4.65
N ILE C 178 -19.68 3.80 5.67
CA ILE C 178 -20.98 4.20 6.21
C ILE C 178 -21.27 5.60 5.68
N ASN C 179 -22.21 5.68 4.77
CA ASN C 179 -22.71 6.94 4.23
C ASN C 179 -24.14 7.14 4.72
N LEU C 180 -24.32 8.14 5.59
CA LEU C 180 -25.57 8.28 6.35
C LEU C 180 -26.78 8.40 5.44
N ARG C 181 -26.56 8.90 4.22
CA ARG C 181 -27.57 8.88 3.18
C ARG C 181 -28.03 7.46 2.85
N THR C 182 -27.13 6.48 2.92
CA THR C 182 -27.31 5.17 2.31
C THR C 182 -27.42 4.02 3.30
N ASN C 183 -26.55 3.98 4.30
CA ASN C 183 -26.43 2.81 5.15
C ASN C 183 -26.04 3.23 6.56
N ASN C 184 -26.43 2.40 7.52
CA ASN C 184 -26.13 2.68 8.93
C ASN C 184 -25.15 1.67 9.54
N SER C 185 -24.59 0.77 8.75
CA SER C 185 -23.68 -0.22 9.30
C SER C 185 -22.70 -0.68 8.22
N ALA C 186 -21.54 -1.15 8.68
CA ALA C 186 -20.51 -1.77 7.86
C ALA C 186 -20.10 -3.09 8.49
N THR C 187 -19.83 -4.08 7.64
CA THR C 187 -19.38 -5.38 8.10
C THR C 187 -18.16 -5.83 7.31
N ILE C 188 -17.10 -6.22 8.02
CA ILE C 188 -15.89 -6.77 7.42
C ILE C 188 -15.55 -8.10 8.10
N VAL C 189 -15.37 -9.14 7.31
CA VAL C 189 -14.90 -10.43 7.78
C VAL C 189 -13.41 -10.58 7.48
N LEU C 190 -12.59 -10.77 8.51
CA LEU C 190 -11.14 -10.89 8.40
C LEU C 190 -10.68 -12.30 8.61
N PRO C 191 -9.92 -12.87 7.68
CA PRO C 191 -9.20 -14.13 7.96
C PRO C 191 -8.02 -13.87 8.90
N TRP C 192 -7.42 -14.96 9.36
CA TRP C 192 -6.08 -14.90 9.94
C TRP C 192 -5.11 -14.29 8.95
N MET C 193 -4.38 -13.25 9.39
CA MET C 193 -3.52 -12.46 8.53
C MET C 193 -2.15 -12.25 9.18
N ASN C 194 -1.25 -13.21 8.99
CA ASN C 194 0.04 -13.21 9.67
C ASN C 194 1.03 -14.01 8.84
N ALA C 195 2.31 -13.71 9.00
CA ALA C 195 3.37 -14.53 8.40
C ALA C 195 3.59 -15.86 9.14
N ALA C 196 3.43 -15.90 10.40
CA ALA C 196 3.46 -17.12 11.19
C ALA C 196 2.06 -17.70 11.33
N PRO C 197 1.93 -19.01 11.50
CA PRO C 197 0.60 -19.61 11.66
C PRO C 197 -0.08 -19.30 12.99
N MET C 198 0.65 -18.98 14.04
CA MET C 198 0.09 -18.51 15.31
C MET C 198 0.98 -17.40 15.82
N ASP C 199 0.50 -16.69 16.84
CA ASP C 199 1.28 -15.63 17.43
C ASP C 199 1.00 -15.50 18.92
N PHE C 200 1.93 -14.86 19.60
CA PHE C 200 1.73 -14.41 20.97
C PHE C 200 0.82 -13.19 20.96
N PRO C 201 -0.37 -13.26 21.57
CA PRO C 201 -1.37 -12.19 21.37
C PRO C 201 -1.05 -10.88 22.07
N LEU C 202 -0.10 -10.82 22.99
CA LEU C 202 0.13 -9.63 23.80
C LEU C 202 1.18 -8.68 23.26
N ARG C 203 1.90 -9.05 22.21
CA ARG C 203 3.00 -8.27 21.69
C ARG C 203 2.93 -7.98 20.19
N HIS C 204 1.90 -8.46 19.50
CA HIS C 204 1.74 -8.19 18.07
C HIS C 204 0.25 -8.11 17.74
N ASN C 205 -0.13 -7.14 16.92
CA ASN C 205 -1.50 -7.01 16.42
C ASN C 205 -1.55 -7.25 14.92
N GLN C 206 -2.38 -8.20 14.49
CA GLN C 206 -2.53 -8.51 13.07
C GLN C 206 -3.28 -7.42 12.32
N TRP C 207 -4.33 -6.89 12.92
CA TRP C 207 -5.28 -6.02 12.27
C TRP C 207 -5.51 -4.76 13.10
N THR C 208 -5.61 -3.62 12.44
CA THR C 208 -6.15 -2.40 13.02
C THR C 208 -7.45 -2.04 12.29
N LEU C 209 -8.55 -1.97 13.03
CA LEU C 209 -9.75 -1.30 12.57
C LEU C 209 -9.58 0.22 12.66
N ALA C 210 -9.86 0.92 11.56
CA ALA C 210 -9.88 2.38 11.52
C ALA C 210 -11.21 2.90 11.00
N ILE C 211 -11.73 3.94 11.64
CA ILE C 211 -12.97 4.59 11.22
C ILE C 211 -12.65 6.06 11.10
N ILE C 212 -12.69 6.59 9.88
CA ILE C 212 -12.30 7.96 9.62
C ILE C 212 -13.44 8.70 8.95
N PRO C 213 -13.90 9.82 9.49
CA PRO C 213 -14.93 10.72 8.92
C PRO C 213 -14.42 11.64 7.81
N VAL C 214 -14.29 11.05 6.62
CA VAL C 214 -13.89 11.76 5.42
C VAL C 214 -14.88 12.86 5.04
N VAL C 215 -16.17 12.63 5.24
CA VAL C 215 -17.15 13.71 5.18
C VAL C 215 -17.69 13.94 6.59
N PRO C 216 -17.58 15.15 7.14
CA PRO C 216 -17.98 15.38 8.52
C PRO C 216 -19.49 15.28 8.73
N LEU C 217 -19.86 14.97 9.95
CA LEU C 217 -21.25 14.93 10.35
C LEU C 217 -21.92 16.30 10.24
N GLY C 218 -23.04 16.36 9.53
CA GLY C 218 -23.75 17.61 9.38
C GLY C 218 -25.26 17.49 9.37
N THR C 219 -25.95 18.46 9.94
CA THR C 219 -27.40 18.57 9.86
C THR C 219 -27.78 20.00 10.20
N ARG C 220 -29.03 20.36 9.92
CA ARG C 220 -29.64 21.56 10.50
C ARG C 220 -30.87 21.25 11.35
N THR C 221 -31.22 19.99 11.57
CA THR C 221 -32.14 19.65 12.64
C THR C 221 -31.49 19.91 14.00
N THR C 222 -32.31 19.84 15.04
CA THR C 222 -31.81 19.81 16.41
C THR C 222 -30.78 18.70 16.57
N SER C 223 -29.68 19.05 17.23
CA SER C 223 -28.57 18.11 17.42
C SER C 223 -28.90 17.03 18.44
N SER C 224 -28.41 15.83 18.16
CA SER C 224 -28.38 14.72 19.09
C SER C 224 -26.97 14.15 19.10
N MET C 225 -26.62 13.45 20.18
CA MET C 225 -25.39 12.68 20.18
C MET C 225 -25.49 11.58 19.13
N VAL C 226 -24.49 11.50 18.25
CA VAL C 226 -24.45 10.44 17.24
C VAL C 226 -23.30 9.49 17.56
N PRO C 227 -23.54 8.42 18.31
CA PRO C 227 -22.47 7.46 18.58
C PRO C 227 -22.16 6.56 17.40
N ILE C 228 -20.92 6.11 17.36
CA ILE C 228 -20.48 4.98 16.54
C ILE C 228 -20.19 3.82 17.46
N THR C 229 -20.76 2.65 17.17
CA THR C 229 -20.57 1.45 17.98
C THR C 229 -19.87 0.36 17.18
N VAL C 230 -18.88 -0.29 17.83
CA VAL C 230 -18.07 -1.36 17.24
C VAL C 230 -18.37 -2.69 17.93
N SER C 231 -18.77 -3.68 17.16
CA SER C 231 -18.92 -5.06 17.63
C SER C 231 -17.99 -5.98 16.86
N ILE C 232 -17.23 -6.80 17.58
CA ILE C 232 -16.22 -7.68 17.00
C ILE C 232 -16.41 -9.10 17.51
N ALA C 233 -16.62 -10.04 16.59
CA ALA C 233 -16.55 -11.45 16.93
C ALA C 233 -15.24 -12.08 16.46
N PRO C 234 -14.35 -12.54 17.36
CA PRO C 234 -13.34 -13.52 16.97
C PRO C 234 -13.96 -14.74 16.31
N MET C 235 -13.26 -15.29 15.32
CA MET C 235 -13.76 -16.44 14.56
C MET C 235 -12.69 -17.52 14.45
N CYS C 236 -13.11 -18.76 14.68
CA CYS C 236 -12.21 -19.94 14.75
C CYS C 236 -11.01 -19.73 15.68
N CYS C 237 -11.28 -19.36 16.93
CA CYS C 237 -10.20 -19.20 17.92
C CYS C 237 -9.52 -20.51 18.29
N GLU C 238 -8.20 -20.51 18.23
CA GLU C 238 -7.32 -21.60 18.65
C GLU C 238 -6.31 -21.06 19.65
N PHE C 239 -6.00 -21.86 20.67
CA PHE C 239 -4.99 -21.50 21.65
C PHE C 239 -4.09 -22.68 21.97
N ASN C 240 -2.80 -22.40 22.11
CA ASN C 240 -1.76 -23.40 22.33
C ASN C 240 -0.80 -22.89 23.39
N GLY C 241 -0.10 -23.82 24.04
CA GLY C 241 0.83 -23.48 25.10
C GLY C 241 0.15 -23.02 26.37
N LEU C 242 -0.66 -23.90 26.95
CA LEU C 242 -1.30 -23.66 28.24
C LEU C 242 -0.30 -23.46 29.38
N ARG C 243 -0.54 -22.39 30.14
CA ARG C 243 0.39 -21.83 31.11
C ARG C 243 -0.49 -21.23 32.22
N HIS C 244 0.13 -20.69 33.27
CA HIS C 244 -0.58 -19.76 34.13
C HIS C 244 -0.96 -18.48 33.38
N ALA C 245 -1.82 -17.69 34.00
CA ALA C 245 -2.22 -16.41 33.41
C ALA C 245 -1.12 -15.35 33.54
N ILE C 246 -0.79 -14.70 32.43
CA ILE C 246 0.02 -13.49 32.47
C ILE C 246 -0.78 -12.34 33.07
N THR C 247 -1.98 -12.13 32.54
CA THR C 247 -3.04 -11.33 33.18
C THR C 247 -2.66 -9.88 33.53
N ILE D 30 20.66 -20.99 -17.66
CA ILE D 30 21.88 -21.71 -17.32
C ILE D 30 22.07 -21.68 -15.82
N ASN D 31 21.92 -22.83 -15.17
CA ASN D 31 22.10 -22.94 -13.73
C ASN D 31 22.78 -24.27 -13.43
N PHE D 32 24.09 -24.21 -13.15
CA PHE D 32 24.85 -25.38 -12.72
C PHE D 32 25.02 -25.47 -11.21
N TYR D 33 24.45 -24.55 -10.47
CA TYR D 33 24.49 -24.60 -9.02
C TYR D 33 23.54 -25.65 -8.48
N LYS D 34 23.89 -26.20 -7.32
CA LYS D 34 23.13 -27.29 -6.72
C LYS D 34 21.86 -26.82 -6.01
N ASP D 35 21.86 -25.64 -5.41
CA ASP D 35 20.68 -25.07 -4.75
C ASP D 35 19.78 -24.32 -5.73
N SER D 36 18.50 -24.67 -5.74
CA SER D 36 17.54 -24.03 -6.64
C SER D 36 17.30 -22.55 -6.34
N TYR D 37 17.60 -22.06 -5.14
CA TYR D 37 17.47 -20.63 -4.87
C TYR D 37 18.54 -19.80 -5.59
N ALA D 38 19.61 -20.43 -6.08
CA ALA D 38 20.63 -19.77 -6.89
C ALA D 38 20.13 -19.28 -8.24
N ALA D 39 19.08 -19.92 -8.80
CA ALA D 39 18.61 -19.67 -10.16
C ALA D 39 18.26 -18.21 -10.43
N SER D 40 18.18 -17.88 -11.73
CA SER D 40 17.63 -16.62 -12.24
C SER D 40 16.14 -16.48 -11.91
N ALA D 41 15.67 -15.24 -12.03
CA ALA D 41 14.31 -14.85 -11.68
C ALA D 41 13.24 -15.58 -12.49
N SER D 42 12.07 -15.71 -11.88
CA SER D 42 10.91 -16.44 -12.42
C SER D 42 9.84 -15.46 -12.93
N LYS D 43 10.02 -14.97 -14.15
CA LYS D 43 9.16 -13.98 -14.78
C LYS D 43 7.99 -14.56 -15.59
N GLN D 44 7.44 -15.71 -15.20
CA GLN D 44 6.44 -16.38 -16.03
C GLN D 44 5.05 -16.51 -15.42
N ASP D 45 4.78 -15.99 -14.23
CA ASP D 45 3.49 -16.18 -13.57
C ASP D 45 2.49 -15.08 -13.92
N PHE D 46 1.74 -15.28 -15.00
CA PHE D 46 0.69 -14.39 -15.51
C PHE D 46 -0.69 -14.59 -14.85
N SER D 47 -0.80 -15.39 -13.80
CA SER D 47 -2.05 -15.51 -13.04
C SER D 47 -2.38 -14.22 -12.30
N GLN D 48 -3.63 -13.78 -12.43
CA GLN D 48 -4.14 -12.62 -11.71
C GLN D 48 -5.47 -13.00 -11.09
N ASP D 49 -5.81 -12.35 -9.98
CA ASP D 49 -7.19 -12.35 -9.47
C ASP D 49 -7.46 -10.99 -8.83
N PRO D 50 -7.71 -9.97 -9.65
CA PRO D 50 -7.95 -8.62 -9.08
C PRO D 50 -9.21 -8.50 -8.20
N SER D 51 -10.20 -9.36 -8.40
CA SER D 51 -11.45 -9.35 -7.63
C SER D 51 -11.25 -9.55 -6.12
N LYS D 52 -10.17 -10.19 -5.67
CA LYS D 52 -9.90 -10.21 -4.23
C LYS D 52 -9.61 -8.82 -3.67
N PHE D 53 -9.22 -7.87 -4.51
CA PHE D 53 -9.07 -6.48 -4.10
C PHE D 53 -10.16 -5.57 -4.63
N THR D 54 -10.72 -5.83 -5.80
CA THR D 54 -11.75 -4.94 -6.33
C THR D 54 -13.15 -5.32 -5.89
N GLU D 55 -13.39 -6.58 -5.61
CA GLU D 55 -14.73 -7.08 -5.35
C GLU D 55 -14.79 -8.07 -4.19
N PRO D 56 -14.23 -7.75 -3.01
CA PRO D 56 -14.32 -8.68 -1.88
C PRO D 56 -15.70 -8.70 -1.24
N VAL D 57 -16.73 -8.56 -2.03
CA VAL D 57 -18.10 -8.57 -1.53
C VAL D 57 -18.59 -10.00 -1.54
N VAL D 58 -19.31 -10.36 -0.48
CA VAL D 58 -19.79 -11.73 -0.32
C VAL D 58 -20.77 -12.10 -1.43
N GLU D 59 -21.60 -11.15 -1.87
CA GLU D 59 -22.46 -11.36 -3.02
C GLU D 59 -21.99 -10.53 -4.21
N GLY D 60 -21.66 -11.21 -5.30
CA GLY D 60 -21.05 -10.55 -6.44
C GLY D 60 -21.98 -9.55 -7.11
N LEU D 61 -21.38 -8.51 -7.66
CA LEU D 61 -22.10 -7.49 -8.41
C LEU D 61 -22.60 -8.05 -9.75
N LYS D 62 -23.75 -7.54 -10.20
CA LYS D 62 -24.23 -7.83 -11.53
C LYS D 62 -24.03 -6.62 -12.45
N ALA D 63 -24.17 -6.88 -13.75
CA ALA D 63 -23.80 -5.92 -14.80
C ALA D 63 -24.49 -4.55 -14.66
N ALA D 65 -27.92 -2.88 -13.45
CA ALA D 65 -28.30 -3.72 -12.30
C ALA D 65 -28.00 -3.01 -10.99
N PRO D 66 -29.05 -2.52 -10.32
CA PRO D 66 -28.84 -1.73 -9.11
C PRO D 66 -28.06 -2.50 -8.06
N VAL D 67 -26.91 -1.96 -7.67
CA VAL D 67 -26.03 -2.64 -6.72
C VAL D 67 -26.76 -2.89 -5.41
N LEU D 68 -27.34 -1.83 -4.83
CA LEU D 68 -28.13 -1.97 -3.63
C LEU D 68 -29.63 -2.01 -3.91
#